data_8ZWQ
#
_entry.id   8ZWQ
#
_cell.length_a   98.249
_cell.length_b   103.264
_cell.length_c   98.733
_cell.angle_alpha   90.000
_cell.angle_beta   99.472
_cell.angle_gamma   90.000
#
_symmetry.space_group_name_H-M   'C 1 2 1'
#
loop_
_entity.id
_entity.type
_entity.pdbx_description
1 polymer dUTPase
2 non-polymer 'MAGNESIUM ION'
3 non-polymer "2'-DEOXYURIDINE 5'-MONOPHOSPHATE"
4 water water
#
_entity_poly.entity_id   1
_entity_poly.type   'polypeptide(L)'
_entity_poly.pdbx_seq_one_letter_code
;MEESAGATSAQSAATSVSESPAEETILVCASEPVTVDGGRLLVCRSPGPEGFYKVPLGLKVALPTGYAMLVAQRGGGRTT
NGIVDAGFRGEVQAIVAPGRPRAQFYCTPLRLAPGIATDVPFFEVFAPKRDEDAGYDIPCPRELVLPPGGAETVTLPVHR
TDGRHWAYVFGRSSLNLRGIVVFPTPWESGPCRFRIQNRGAHPVTLESGQRVAQLVLTREPLGWITGRSPFPATPRAPMQ
HRPAWLFARDFVAPSSARGARGFGSTGLLEHHHHHH
;
_entity_poly.pdbx_strand_id   A,C,B,D
#
loop_
_chem_comp.id
_chem_comp.type
_chem_comp.name
_chem_comp.formula
MG non-polymer 'MAGNESIUM ION' 'Mg 2'
UMP non-polymer '2'-DEOXYURIDINE 5'-MONOPHOSPHATE' 'C9 H13 N2 O8 P'
#
# COMPACT_ATOMS: atom_id res chain seq x y z
N THR A 25 -15.53 9.89 -15.08
CA THR A 25 -14.99 9.51 -13.77
C THR A 25 -13.77 8.64 -13.89
N ILE A 26 -12.68 9.10 -13.25
CA ILE A 26 -11.45 8.33 -13.15
C ILE A 26 -11.43 7.71 -11.77
N LEU A 27 -10.92 6.49 -11.68
CA LEU A 27 -10.95 5.70 -10.46
C LEU A 27 -9.54 5.59 -9.91
N VAL A 28 -9.34 6.02 -8.67
CA VAL A 28 -8.02 6.03 -8.04
C VAL A 28 -8.07 5.10 -6.84
N CYS A 29 -7.17 4.13 -6.81
CA CYS A 29 -6.94 3.32 -5.63
C CYS A 29 -5.58 3.71 -5.06
N ALA A 30 -5.59 4.35 -3.88
CA ALA A 30 -4.41 5.03 -3.33
C ALA A 30 -3.95 4.35 -2.05
N SER A 31 -2.74 3.79 -2.07
CA SER A 31 -2.14 3.21 -0.88
C SER A 31 -1.37 4.23 -0.04
N GLU A 32 -1.28 5.48 -0.48
CA GLU A 32 -0.59 6.55 0.24
C GLU A 32 -1.39 7.83 0.17
N PRO A 33 -1.04 8.87 0.93
CA PRO A 33 -1.77 10.14 0.82
C PRO A 33 -1.69 10.75 -0.58
N VAL A 34 -2.83 11.19 -1.11
CA VAL A 34 -2.89 11.89 -2.38
C VAL A 34 -3.64 13.21 -2.19
N THR A 35 -3.14 14.27 -2.81
CA THR A 35 -3.75 15.57 -2.67
C THR A 35 -4.52 15.88 -3.96
N VAL A 36 -5.80 16.24 -3.82
CA VAL A 36 -6.54 16.73 -4.97
C VAL A 36 -6.40 18.25 -5.03
N ASP A 37 -5.77 18.76 -6.08
CA ASP A 37 -5.51 20.18 -6.21
C ASP A 37 -6.01 20.67 -7.55
N GLY A 38 -7.00 21.56 -7.53
CA GLY A 38 -7.47 22.24 -8.72
C GLY A 38 -7.71 21.33 -9.91
N GLY A 39 -8.04 20.06 -9.64
CA GLY A 39 -8.30 19.07 -10.67
C GLY A 39 -7.18 18.07 -10.88
N ARG A 40 -5.95 18.43 -10.52
CA ARG A 40 -4.83 17.50 -10.63
C ARG A 40 -4.68 16.72 -9.34
N LEU A 41 -4.01 15.58 -9.46
CA LEU A 41 -3.54 14.89 -8.26
C LEU A 41 -2.11 15.35 -7.97
N LEU A 42 -1.84 15.61 -6.68
CA LEU A 42 -0.58 16.14 -6.18
C LEU A 42 -0.04 15.15 -5.18
N VAL A 43 1.24 14.84 -5.29
CA VAL A 43 1.92 13.85 -4.46
C VAL A 43 3.31 14.39 -4.13
N CYS A 44 3.68 14.35 -2.85
CA CYS A 44 5.00 14.76 -2.36
C CYS A 44 5.77 13.52 -1.91
N ARG A 45 6.89 13.23 -2.57
CA ARG A 45 7.75 12.11 -2.24
C ARG A 45 9.17 12.60 -2.06
N SER A 46 10.01 11.72 -1.54
CA SER A 46 11.41 12.04 -1.25
C SER A 46 12.33 11.15 -2.08
N PRO A 47 12.40 11.36 -3.39
CA PRO A 47 13.30 10.54 -4.20
C PRO A 47 14.75 10.86 -3.88
N GLY A 48 15.60 9.84 -4.01
CA GLY A 48 17.02 10.01 -3.86
C GLY A 48 17.60 10.87 -4.96
N PRO A 49 18.85 11.32 -4.78
CA PRO A 49 19.45 12.23 -5.77
C PRO A 49 19.73 11.57 -7.11
N GLU A 50 19.69 10.24 -7.20
CA GLU A 50 20.15 9.54 -8.39
C GLU A 50 19.12 9.57 -9.50
N GLY A 51 19.58 9.29 -10.72
CA GLY A 51 18.73 9.16 -11.88
C GLY A 51 19.47 8.32 -12.90
N PHE A 52 18.72 7.67 -13.78
CA PHE A 52 17.28 7.79 -13.88
C PHE A 52 16.61 6.59 -13.21
N TYR A 53 15.45 6.79 -12.61
CA TYR A 53 14.78 5.66 -11.96
C TYR A 53 13.33 6.03 -11.70
N LYS A 54 12.53 5.00 -11.41
CA LYS A 54 11.10 5.14 -11.24
C LYS A 54 10.78 5.49 -9.79
N VAL A 55 9.96 6.51 -9.58
CA VAL A 55 9.53 6.93 -8.25
C VAL A 55 8.05 6.57 -8.09
N PRO A 56 7.72 5.55 -7.30
CA PRO A 56 6.30 5.22 -7.07
C PRO A 56 5.57 6.36 -6.39
N LEU A 57 4.31 6.58 -6.79
CA LEU A 57 3.52 7.73 -6.34
C LEU A 57 2.30 7.31 -5.51
N GLY A 58 2.20 6.05 -5.11
CA GLY A 58 1.19 5.62 -4.16
C GLY A 58 -0.23 5.46 -4.68
N LEU A 59 -0.41 5.34 -6.00
CA LEU A 59 -1.76 5.21 -6.51
C LEU A 59 -1.78 4.43 -7.82
N LYS A 60 -2.93 3.84 -8.10
CA LYS A 60 -3.26 3.31 -9.41
C LYS A 60 -4.53 4.00 -9.89
N VAL A 61 -4.63 4.19 -11.20
CA VAL A 61 -5.80 4.81 -11.81
C VAL A 61 -6.40 3.85 -12.81
N ALA A 62 -7.72 3.94 -12.97
CA ALA A 62 -8.45 3.31 -14.07
C ALA A 62 -9.05 4.46 -14.86
N LEU A 63 -8.25 5.02 -15.77
CA LEU A 63 -8.76 6.00 -16.70
C LEU A 63 -9.81 5.36 -17.60
N PRO A 64 -10.90 6.04 -17.91
CA PRO A 64 -11.83 5.50 -18.90
C PRO A 64 -11.21 5.59 -20.29
N THR A 65 -11.71 4.74 -21.20
CA THR A 65 -11.27 4.77 -22.59
C THR A 65 -11.41 6.17 -23.16
N GLY A 66 -10.36 6.63 -23.83
CA GLY A 66 -10.33 7.99 -24.33
C GLY A 66 -9.76 8.98 -23.36
N TYR A 67 -9.22 8.53 -22.24
CA TYR A 67 -8.45 9.36 -21.35
C TYR A 67 -7.01 8.86 -21.28
N ALA A 68 -6.09 9.79 -21.16
CA ALA A 68 -4.74 9.50 -20.73
C ALA A 68 -4.52 10.34 -19.49
N MET A 69 -3.28 10.29 -18.98
CA MET A 69 -2.88 11.07 -17.80
C MET A 69 -1.40 11.44 -17.92
N LEU A 70 -1.11 12.73 -17.76
CA LEU A 70 0.27 13.21 -17.78
C LEU A 70 0.84 13.19 -16.35
N VAL A 71 2.04 12.61 -16.19
CA VAL A 71 2.78 12.64 -14.95
C VAL A 71 3.99 13.55 -15.13
N ALA A 72 4.10 14.57 -14.28
CA ALA A 72 5.27 15.45 -14.31
C ALA A 72 5.42 16.08 -12.94
N GLN A 73 6.54 16.79 -12.77
CA GLN A 73 6.86 17.45 -11.50
C GLN A 73 6.07 18.74 -11.34
N ARG A 74 5.90 19.22 -10.10
CA ARG A 74 5.25 20.52 -9.83
C ARG A 74 6.25 21.47 -9.14
N GLY A 75 6.93 22.34 -9.89
CA GLY A 75 7.88 23.30 -9.35
C GLY A 75 9.31 22.82 -9.22
N GLY A 76 9.76 21.95 -10.11
CA GLY A 76 11.14 21.54 -10.17
C GLY A 76 11.45 21.04 -11.57
N GLY A 77 12.74 20.81 -11.83
CA GLY A 77 13.24 20.55 -13.17
C GLY A 77 13.88 19.19 -13.37
N ARG A 78 13.31 18.18 -12.73
CA ARG A 78 13.99 16.91 -12.55
C ARG A 78 13.29 15.73 -13.20
N THR A 79 12.04 15.87 -13.65
CA THR A 79 11.17 14.75 -13.96
C THR A 79 10.78 14.74 -15.43
N THR A 80 10.93 13.59 -16.08
CA THR A 80 10.42 13.46 -17.44
C THR A 80 8.89 13.45 -17.41
N ASN A 81 8.28 14.00 -18.47
CA ASN A 81 6.83 13.92 -18.59
C ASN A 81 6.43 12.50 -19.04
N GLY A 82 5.63 11.81 -18.24
CA GLY A 82 5.06 10.54 -18.65
C GLY A 82 3.57 10.54 -18.98
N ILE A 83 3.13 9.50 -19.68
CA ILE A 83 1.74 9.30 -20.08
C ILE A 83 1.28 7.97 -19.51
N VAL A 84 0.23 8.01 -18.70
CA VAL A 84 -0.46 6.80 -18.28
C VAL A 84 -1.64 6.64 -19.22
N ASP A 85 -1.76 5.46 -19.81
CA ASP A 85 -2.84 5.26 -20.77
C ASP A 85 -3.96 4.51 -20.08
N ALA A 86 -5.08 4.39 -20.78
CA ALA A 86 -6.28 3.89 -20.15
C ALA A 86 -6.15 2.45 -19.73
N GLY A 87 -5.26 1.69 -20.37
CA GLY A 87 -5.19 0.27 -20.06
C GLY A 87 -4.35 -0.08 -18.86
N PHE A 88 -3.56 0.88 -18.36
CA PHE A 88 -2.58 0.62 -17.31
C PHE A 88 -3.26 0.51 -15.95
N ARG A 89 -2.99 -0.58 -15.25
CA ARG A 89 -3.61 -0.84 -13.95
C ARG A 89 -2.59 -0.96 -12.82
N GLY A 90 -1.29 -0.86 -13.11
CA GLY A 90 -0.26 -0.95 -12.09
C GLY A 90 -0.05 0.38 -11.39
N GLU A 91 0.97 0.40 -10.54
CA GLU A 91 1.25 1.63 -9.79
C GLU A 91 1.77 2.74 -10.71
N VAL A 92 1.18 3.90 -10.55
CA VAL A 92 1.65 5.07 -11.28
C VAL A 92 3.00 5.49 -10.70
N GLN A 93 3.95 5.75 -11.58
CA GLN A 93 5.28 6.11 -11.18
C GLN A 93 5.73 7.30 -11.99
N ALA A 94 6.74 7.97 -11.47
CA ALA A 94 7.34 9.11 -12.12
C ALA A 94 8.81 8.78 -12.37
N ILE A 95 9.30 9.10 -13.54
CA ILE A 95 10.64 8.72 -13.94
C ILE A 95 11.50 9.99 -13.90
N VAL A 96 12.41 10.06 -12.94
CA VAL A 96 13.12 11.30 -12.67
C VAL A 96 14.59 11.18 -13.05
N ALA A 97 15.14 12.31 -13.46
CA ALA A 97 16.56 12.45 -13.77
C ALA A 97 17.31 12.56 -12.46
N PRO A 98 18.65 12.63 -12.50
CA PRO A 98 19.39 12.93 -11.26
C PRO A 98 19.19 14.38 -10.83
N GLY A 99 19.10 14.59 -9.53
CA GLY A 99 18.91 15.94 -9.02
C GLY A 99 18.59 16.07 -7.54
N ARG A 100 17.81 17.11 -7.24
CA ARG A 100 17.39 17.48 -5.86
C ARG A 100 16.65 16.31 -5.19
N PRO A 101 16.84 16.09 -3.88
CA PRO A 101 16.20 14.99 -3.15
C PRO A 101 14.71 15.18 -2.85
N ARG A 102 14.15 16.37 -3.08
CA ARG A 102 12.73 16.54 -2.77
C ARG A 102 11.96 16.80 -4.06
N ALA A 103 10.69 16.39 -4.10
CA ALA A 103 9.94 16.45 -5.35
C ALA A 103 8.45 16.35 -5.09
N GLN A 104 7.67 17.16 -5.81
CA GLN A 104 6.22 17.07 -5.90
C GLN A 104 5.83 16.74 -7.33
N PHE A 105 4.83 15.88 -7.49
CA PHE A 105 4.41 15.39 -8.81
C PHE A 105 2.92 15.66 -9.05
N TYR A 106 2.62 16.28 -10.19
CA TYR A 106 1.24 16.44 -10.65
C TYR A 106 0.85 15.31 -11.58
N CYS A 107 -0.40 14.90 -11.48
CA CYS A 107 -1.00 13.97 -12.44
C CYS A 107 -2.14 14.70 -13.13
N THR A 108 -2.02 14.90 -14.43
CA THR A 108 -3.01 15.68 -15.17
C THR A 108 -3.79 14.80 -16.13
N PRO A 109 -5.06 14.51 -15.85
CA PRO A 109 -5.90 13.78 -16.82
C PRO A 109 -5.95 14.48 -18.16
N LEU A 110 -6.04 13.67 -19.22
CA LEU A 110 -6.00 14.14 -20.61
C LEU A 110 -7.16 13.50 -21.37
N ARG A 111 -8.04 14.34 -21.90
CA ARG A 111 -9.13 13.86 -22.75
C ARG A 111 -8.57 13.72 -24.17
N LEU A 112 -8.49 12.49 -24.66
CA LEU A 112 -7.90 12.28 -25.97
C LEU A 112 -8.85 12.74 -27.06
N ALA A 113 -8.29 13.37 -28.08
CA ALA A 113 -9.03 13.59 -29.31
C ALA A 113 -8.88 12.39 -30.25
N PRO A 114 -9.92 12.07 -31.02
CA PRO A 114 -9.85 10.86 -31.86
C PRO A 114 -8.84 10.94 -33.00
N GLY A 115 -8.60 12.13 -33.55
CA GLY A 115 -7.69 12.26 -34.67
C GLY A 115 -7.35 13.72 -34.93
N ILE A 116 -6.42 13.92 -35.85
CA ILE A 116 -6.09 15.26 -36.32
C ILE A 116 -5.96 15.21 -37.84
N ALA A 117 -6.39 16.30 -38.48
CA ALA A 117 -6.31 16.43 -39.92
C ALA A 117 -4.88 16.76 -40.35
N THR A 118 -4.34 15.97 -41.29
CA THR A 118 -2.96 16.07 -41.76
C THR A 118 -2.94 16.03 -43.28
N ASP A 119 -1.81 16.46 -43.86
CA ASP A 119 -1.73 16.60 -45.30
C ASP A 119 -1.46 15.27 -46.02
N VAL A 120 -1.03 14.26 -45.27
CA VAL A 120 -0.67 12.92 -45.75
C VAL A 120 -1.44 11.97 -44.84
N PRO A 121 -1.81 10.77 -45.28
CA PRO A 121 -2.58 9.88 -44.40
C PRO A 121 -1.84 9.61 -43.10
N PHE A 122 -2.51 9.95 -41.98
CA PHE A 122 -1.89 9.90 -40.64
C PHE A 122 -1.06 8.63 -40.43
N PHE A 123 -1.64 7.47 -40.72
CA PHE A 123 -1.04 6.17 -40.42
C PHE A 123 0.05 5.75 -41.40
N GLU A 124 0.50 6.64 -42.28
CA GLU A 124 1.75 6.42 -43.01
C GLU A 124 2.98 6.93 -42.27
N VAL A 125 2.78 7.58 -41.11
CA VAL A 125 3.84 8.18 -40.29
C VAL A 125 3.76 7.63 -38.86
N PHE A 126 2.61 7.80 -38.25
CA PHE A 126 2.38 7.39 -36.87
C PHE A 126 1.85 5.96 -36.85
N ALA A 127 2.42 5.15 -35.97
CA ALA A 127 1.99 3.77 -35.88
C ALA A 127 0.59 3.68 -35.26
N PRO A 128 -0.26 2.79 -35.75
CA PRO A 128 -1.59 2.62 -35.15
C PRO A 128 -1.52 2.15 -33.70
N LYS A 129 -2.59 2.44 -32.95
CA LYS A 129 -2.69 2.15 -31.52
C LYS A 129 -4.01 1.44 -31.18
N ARG A 130 -4.04 0.85 -30.00
CA ARG A 130 -5.28 0.38 -29.37
C ARG A 130 -6.02 1.56 -28.75
N ASP A 131 -7.33 1.39 -28.53
CA ASP A 131 -8.08 2.45 -27.85
C ASP A 131 -7.66 2.55 -26.39
N GLU A 132 -7.21 1.44 -25.78
CA GLU A 132 -6.68 1.50 -24.42
C GLU A 132 -5.34 2.24 -24.36
N ASP A 133 -4.53 2.17 -25.41
CA ASP A 133 -3.30 2.96 -25.47
C ASP A 133 -3.66 4.42 -25.58
N ALA A 134 -2.69 5.27 -25.22
CA ALA A 134 -2.94 6.70 -25.28
C ALA A 134 -2.26 7.39 -26.45
N GLY A 135 -1.09 6.92 -26.86
CA GLY A 135 -0.32 7.63 -27.85
C GLY A 135 -0.10 6.79 -29.08
N TYR A 136 0.20 7.44 -30.21
CA TYR A 136 0.57 6.79 -31.46
C TYR A 136 2.08 6.87 -31.60
N ASP A 137 2.71 5.71 -31.74
CA ASP A 137 4.16 5.60 -31.72
C ASP A 137 4.81 6.25 -32.94
N ILE A 138 6.00 6.81 -32.71
CA ILE A 138 6.72 7.56 -33.75
C ILE A 138 7.99 6.83 -34.14
N PRO A 139 8.03 6.17 -35.29
CA PRO A 139 9.26 5.47 -35.67
C PRO A 139 10.32 6.47 -36.09
N CYS A 140 11.53 6.26 -35.59
CA CYS A 140 12.65 7.12 -35.95
C CYS A 140 12.90 7.05 -37.45
N PRO A 141 12.84 8.17 -38.17
CA PRO A 141 13.05 8.13 -39.63
C PRO A 141 14.42 7.58 -40.03
N ARG A 142 15.51 8.17 -39.56
CA ARG A 142 16.86 7.68 -39.80
C ARG A 142 17.57 7.29 -38.50
N GLU A 143 18.74 6.70 -38.66
CA GLU A 143 19.56 6.34 -37.51
C GLU A 143 20.17 7.57 -36.85
N LEU A 144 20.17 7.60 -35.52
CA LEU A 144 20.75 8.68 -34.74
C LEU A 144 21.82 8.09 -33.84
N VAL A 145 22.98 8.73 -33.81
CA VAL A 145 24.04 8.34 -32.89
C VAL A 145 24.22 9.48 -31.90
N LEU A 146 23.86 9.26 -30.64
CA LEU A 146 23.74 10.34 -29.67
C LEU A 146 24.84 10.28 -28.61
N PRO A 147 25.92 11.04 -28.76
CA PRO A 147 26.95 11.11 -27.71
C PRO A 147 26.32 11.58 -26.41
N PRO A 148 26.94 11.27 -25.27
CA PRO A 148 26.43 11.79 -24.00
C PRO A 148 26.37 13.30 -24.04
N GLY A 149 25.26 13.85 -23.54
CA GLY A 149 24.95 15.26 -23.65
C GLY A 149 24.35 15.70 -24.98
N GLY A 150 24.44 14.89 -26.03
CA GLY A 150 24.07 15.34 -27.36
C GLY A 150 22.60 15.17 -27.69
N ALA A 151 22.01 16.22 -28.27
CA ALA A 151 20.63 16.17 -28.73
C ALA A 151 20.55 16.33 -30.24
N GLU A 152 19.38 16.02 -30.77
CA GLU A 152 19.16 16.12 -32.18
C GLU A 152 17.70 16.46 -32.41
N THR A 153 17.43 16.99 -33.57
CA THR A 153 16.08 17.31 -33.99
C THR A 153 15.58 16.29 -35.01
N VAL A 154 14.55 15.55 -34.64
CA VAL A 154 13.88 14.64 -35.57
C VAL A 154 12.75 15.40 -36.23
N THR A 155 12.61 15.24 -37.53
CA THR A 155 11.58 15.91 -38.30
C THR A 155 10.87 14.87 -39.15
N LEU A 156 9.56 14.89 -39.13
CA LEU A 156 8.69 13.97 -39.82
C LEU A 156 7.97 14.71 -40.93
N PRO A 157 7.86 14.06 -42.11
CA PRO A 157 7.33 14.73 -43.31
C PRO A 157 5.80 14.76 -43.36
N VAL A 158 5.20 15.35 -42.33
CA VAL A 158 3.75 15.46 -42.27
C VAL A 158 3.39 16.81 -41.66
N HIS A 159 2.36 17.44 -42.24
CA HIS A 159 1.86 18.73 -41.80
C HIS A 159 0.40 18.61 -41.40
N ARG A 160 -0.02 19.52 -40.52
CA ARG A 160 -1.41 19.62 -40.03
C ARG A 160 -2.24 20.47 -41.02
N THR A 161 -3.55 20.27 -41.12
CA THR A 161 -4.35 21.03 -42.13
C THR A 161 -5.36 21.98 -41.48
N ASP A 162 -5.47 21.95 -40.15
CA ASP A 162 -6.42 22.75 -39.33
C ASP A 162 -6.03 22.66 -37.86
N GLY A 163 -6.39 23.63 -37.02
CA GLY A 163 -6.26 23.39 -35.57
C GLY A 163 -7.47 22.79 -34.89
N ARG A 164 -7.97 21.67 -35.41
CA ARG A 164 -9.15 20.97 -34.83
C ARG A 164 -8.87 20.67 -33.36
N HIS A 165 -7.85 19.85 -33.08
CA HIS A 165 -7.49 19.48 -31.69
C HIS A 165 -6.04 19.86 -31.41
N TRP A 166 -5.52 19.47 -30.26
CA TRP A 166 -4.08 19.66 -29.95
C TRP A 166 -3.29 18.36 -30.15
N ALA A 167 -2.00 18.47 -30.46
CA ALA A 167 -1.10 17.33 -30.64
C ALA A 167 0.23 17.61 -29.96
N TYR A 168 0.79 16.58 -29.31
CA TYR A 168 2.04 16.72 -28.56
C TYR A 168 2.90 15.49 -28.77
N VAL A 169 4.20 15.72 -28.98
CA VAL A 169 5.17 14.65 -28.96
C VAL A 169 5.67 14.51 -27.53
N PHE A 170 5.48 13.35 -26.95
CA PHE A 170 6.05 13.05 -25.65
C PHE A 170 7.11 11.98 -25.82
N GLY A 171 7.76 11.65 -24.72
CA GLY A 171 8.67 10.53 -24.75
C GLY A 171 7.95 9.23 -24.52
N ARG A 172 8.69 8.16 -24.69
CA ARG A 172 8.20 6.84 -24.34
C ARG A 172 8.89 6.42 -23.07
N SER A 173 8.13 5.77 -22.19
CA SER A 173 8.62 5.52 -20.85
C SER A 173 9.88 4.69 -20.86
N SER A 174 10.06 3.85 -21.87
CA SER A 174 11.26 3.02 -21.89
C SER A 174 12.49 3.87 -22.14
N LEU A 175 12.37 4.93 -22.93
CA LEU A 175 13.55 5.71 -23.27
C LEU A 175 13.85 6.77 -22.22
N ASN A 176 12.80 7.33 -21.62
CA ASN A 176 12.95 8.15 -20.41
C ASN A 176 13.82 7.46 -19.38
N LEU A 177 13.51 6.20 -19.08
CA LEU A 177 14.29 5.45 -18.11
C LEU A 177 15.77 5.42 -18.44
N ARG A 178 16.13 5.50 -19.72
CA ARG A 178 17.52 5.34 -20.12
C ARG A 178 18.25 6.68 -20.24
N GLY A 179 17.64 7.77 -19.76
CA GLY A 179 18.19 9.09 -19.97
C GLY A 179 18.09 9.65 -21.37
N ILE A 180 17.59 8.87 -22.32
CA ILE A 180 17.32 9.32 -23.69
C ILE A 180 15.98 10.04 -23.64
N VAL A 181 16.00 11.37 -23.63
CA VAL A 181 14.85 12.17 -23.21
C VAL A 181 14.33 12.99 -24.39
N VAL A 182 13.10 12.68 -24.82
CA VAL A 182 12.35 13.47 -25.80
C VAL A 182 11.81 14.72 -25.12
N PHE A 183 11.98 15.87 -25.76
CA PHE A 183 11.46 17.11 -25.24
C PHE A 183 9.97 17.21 -25.54
N PRO A 184 9.10 17.22 -24.54
CA PRO A 184 7.67 17.44 -24.80
C PRO A 184 7.47 18.63 -25.72
N THR A 185 6.84 18.44 -26.88
CA THR A 185 6.79 19.45 -27.94
C THR A 185 5.38 19.61 -28.48
N PRO A 186 4.92 20.84 -28.71
CA PRO A 186 3.63 21.01 -29.37
C PRO A 186 3.80 20.94 -30.88
N TRP A 187 2.71 20.59 -31.57
CA TRP A 187 2.68 20.50 -33.03
C TRP A 187 1.44 21.23 -33.50
N GLU A 188 1.57 22.54 -33.72
CA GLU A 188 0.46 23.30 -34.27
C GLU A 188 0.66 23.53 -35.76
N SER A 189 1.73 24.17 -36.15
CA SER A 189 2.01 24.46 -37.55
C SER A 189 3.29 23.74 -37.98
N GLY A 190 3.46 23.62 -39.29
CA GLY A 190 4.67 23.06 -39.84
C GLY A 190 4.72 21.56 -39.67
N PRO A 191 5.91 20.98 -39.76
CA PRO A 191 6.04 19.53 -39.64
C PRO A 191 6.19 19.04 -38.21
N CYS A 192 5.73 17.82 -38.01
CA CYS A 192 5.98 17.13 -36.76
C CYS A 192 7.48 17.04 -36.53
N ARG A 193 7.93 17.79 -35.53
CA ARG A 193 9.37 17.92 -35.16
C ARG A 193 9.55 17.73 -33.65
N PHE A 194 10.67 17.17 -33.24
CA PHE A 194 10.94 17.01 -31.80
C PHE A 194 12.44 16.83 -31.58
N ARG A 195 12.91 17.36 -30.46
CA ARG A 195 14.29 17.17 -30.07
C ARG A 195 14.37 16.02 -29.07
N ILE A 196 15.49 15.33 -29.08
CA ILE A 196 15.69 14.16 -28.25
C ILE A 196 17.11 14.21 -27.70
N GLN A 197 17.27 14.05 -26.38
CA GLN A 197 18.58 14.24 -25.77
C GLN A 197 19.03 13.04 -24.96
N ASN A 198 20.31 12.68 -25.13
CA ASN A 198 20.97 11.59 -24.41
C ASN A 198 21.68 12.17 -23.18
N ARG A 199 20.98 12.20 -22.06
CA ARG A 199 21.59 12.68 -20.83
C ARG A 199 22.26 11.56 -20.04
N GLY A 200 22.45 10.40 -20.66
CA GLY A 200 23.13 9.30 -20.02
C GLY A 200 24.62 9.44 -20.11
N ALA A 201 25.31 8.42 -19.61
CA ALA A 201 26.76 8.48 -19.57
C ALA A 201 27.39 7.99 -20.88
N HIS A 202 26.66 7.20 -21.67
CA HIS A 202 27.29 6.56 -22.80
C HIS A 202 26.57 6.92 -24.09
N PRO A 203 27.30 6.96 -25.21
CA PRO A 203 26.67 7.11 -26.52
C PRO A 203 25.52 6.14 -26.69
N VAL A 204 24.53 6.56 -27.48
CA VAL A 204 23.37 5.76 -27.82
C VAL A 204 23.20 5.80 -29.32
N THR A 205 22.67 4.71 -29.90
CA THR A 205 22.37 4.67 -31.33
C THR A 205 20.91 4.31 -31.54
N LEU A 206 20.14 5.26 -32.05
CA LEU A 206 18.74 5.01 -32.32
C LEU A 206 18.67 4.47 -33.73
N GLU A 207 18.04 3.31 -33.90
CA GLU A 207 17.97 2.67 -35.20
C GLU A 207 16.83 3.25 -36.03
N SER A 208 17.00 3.21 -37.35
CA SER A 208 15.90 3.56 -38.24
C SER A 208 14.72 2.65 -37.96
N GLY A 209 13.52 3.24 -37.93
CA GLY A 209 12.32 2.48 -37.65
C GLY A 209 12.02 2.27 -36.18
N GLN A 210 13.03 2.43 -35.32
CA GLN A 210 12.84 2.22 -33.89
C GLN A 210 11.84 3.22 -33.35
N ARG A 211 11.04 2.79 -32.39
CA ARG A 211 9.98 3.62 -31.84
C ARG A 211 10.59 4.48 -30.74
N VAL A 212 10.70 5.78 -31.00
CA VAL A 212 11.55 6.67 -30.22
C VAL A 212 10.79 7.80 -29.55
N ALA A 213 9.52 8.02 -29.90
CA ALA A 213 8.69 8.92 -29.13
C ALA A 213 7.25 8.46 -29.33
N GLN A 214 6.30 9.28 -28.88
CA GLN A 214 4.90 8.96 -29.05
C GLN A 214 4.14 10.26 -29.20
N LEU A 215 3.09 10.20 -30.01
CA LEU A 215 2.29 11.36 -30.35
C LEU A 215 0.98 11.22 -29.62
N VAL A 216 0.56 12.32 -28.97
CA VAL A 216 -0.62 12.34 -28.13
C VAL A 216 -1.50 13.50 -28.56
N LEU A 217 -2.75 13.19 -28.85
CA LEU A 217 -3.76 14.12 -29.31
C LEU A 217 -4.75 14.39 -28.17
N THR A 218 -5.07 15.67 -27.95
CA THR A 218 -5.85 16.09 -26.80
C THR A 218 -6.89 17.11 -27.23
N ARG A 219 -8.03 17.08 -26.55
CA ARG A 219 -9.10 18.03 -26.79
C ARG A 219 -8.81 19.41 -26.22
N GLU A 220 -7.92 19.50 -25.24
CA GLU A 220 -7.58 20.80 -24.66
C GLU A 220 -6.08 21.00 -24.66
N PRO A 221 -5.63 22.25 -24.78
CA PRO A 221 -4.19 22.52 -24.83
C PRO A 221 -3.50 22.22 -23.51
N LEU A 222 -2.24 21.82 -23.63
CA LEU A 222 -1.28 21.87 -22.54
C LEU A 222 -0.44 23.11 -22.86
N GLY A 223 -0.91 24.25 -22.34
CA GLY A 223 -0.43 25.54 -22.83
C GLY A 223 1.05 25.77 -22.56
N TRP A 224 1.55 25.18 -21.49
CA TRP A 224 2.94 25.38 -21.08
C TRP A 224 3.95 24.56 -21.90
N ILE A 225 3.50 23.63 -22.75
CA ILE A 225 4.42 22.73 -23.46
C ILE A 225 5.11 23.52 -24.58
N THR A 226 6.44 23.51 -24.58
CA THR A 226 7.20 24.34 -25.52
C THR A 226 8.05 23.59 -26.53
N GLY A 227 8.50 22.39 -26.24
CA GLY A 227 9.46 21.72 -27.09
C GLY A 227 10.90 22.09 -26.86
N ARG A 228 11.17 23.14 -26.08
CA ARG A 228 12.52 23.61 -25.87
C ARG A 228 13.07 23.22 -24.50
N SER A 229 12.51 22.17 -23.86
CA SER A 229 12.97 21.73 -22.53
C SER A 229 12.81 20.24 -22.27
N PRO A 230 13.79 19.61 -21.62
CA PRO A 230 13.65 18.17 -21.36
C PRO A 230 12.70 17.84 -20.23
N PHE A 231 12.52 18.71 -19.22
CA PHE A 231 11.72 18.37 -18.03
C PHE A 231 10.75 19.49 -17.65
N PRO A 232 9.87 19.88 -18.56
CA PRO A 232 8.93 20.94 -18.24
C PRO A 232 8.06 20.55 -17.05
N ALA A 233 8.00 21.41 -16.05
CA ALA A 233 7.07 21.21 -14.97
C ALA A 233 5.65 21.50 -15.47
N THR A 234 4.67 20.85 -14.84
CA THR A 234 3.28 21.22 -15.04
C THR A 234 2.91 22.33 -14.06
N PRO A 235 2.43 23.47 -14.52
CA PRO A 235 2.22 24.60 -13.62
C PRO A 235 1.00 24.39 -12.74
N ARG A 236 0.93 25.22 -11.69
CA ARG A 236 -0.02 25.02 -10.61
C ARG A 236 -1.45 25.39 -11.00
N ALA A 237 -1.68 25.94 -12.16
CA ALA A 237 -2.98 26.53 -12.42
C ALA A 237 -4.04 25.45 -12.65
N PRO A 238 -5.17 25.51 -11.94
CA PRO A 238 -6.24 24.52 -12.17
C PRO A 238 -6.67 24.52 -13.61
N MET A 239 -7.15 23.34 -14.01
CA MET A 239 -7.52 23.04 -15.42
C MET A 239 -8.92 23.55 -15.80
N GLN A 240 -9.24 23.50 -17.09
CA GLN A 240 -10.55 24.01 -17.57
C GLN A 240 -11.66 23.02 -17.26
N HIS A 241 -11.46 21.76 -17.63
CA HIS A 241 -12.39 20.66 -17.42
C HIS A 241 -11.76 19.71 -16.40
N ARG A 242 -11.84 20.12 -15.15
CA ARG A 242 -11.69 19.22 -14.01
C ARG A 242 -12.48 17.94 -14.29
N PRO A 243 -11.87 16.76 -14.23
CA PRO A 243 -12.64 15.52 -14.29
C PRO A 243 -12.97 15.02 -12.90
N ALA A 244 -13.85 14.01 -12.84
CA ALA A 244 -14.23 13.43 -11.55
C ALA A 244 -13.25 12.33 -11.20
N TRP A 245 -12.69 12.44 -10.00
CA TRP A 245 -11.85 11.44 -9.39
C TRP A 245 -12.69 10.68 -8.38
N LEU A 246 -12.55 9.35 -8.36
CA LEU A 246 -13.25 8.56 -7.35
C LEU A 246 -12.19 7.76 -6.61
N PHE A 247 -12.05 8.04 -5.31
CA PHE A 247 -11.15 7.28 -4.44
C PHE A 247 -11.93 6.10 -3.87
N ALA A 248 -11.37 4.90 -3.99
CA ALA A 248 -12.11 3.69 -3.63
C ALA A 248 -11.19 2.69 -2.94
N THR B 25 -20.71 6.11 -1.44
CA THR B 25 -19.99 7.19 -2.11
C THR B 25 -20.40 8.61 -1.64
N ILE B 26 -19.41 9.35 -1.14
CA ILE B 26 -19.59 10.72 -0.67
C ILE B 26 -19.12 11.68 -1.75
N LEU B 27 -19.95 12.63 -2.09
CA LEU B 27 -19.57 13.63 -3.09
C LEU B 27 -18.86 14.79 -2.42
N VAL B 28 -17.81 15.29 -3.05
CA VAL B 28 -16.92 16.31 -2.47
C VAL B 28 -16.67 17.35 -3.56
N CYS B 29 -17.19 18.58 -3.37
CA CYS B 29 -16.80 19.73 -4.18
C CYS B 29 -15.80 20.57 -3.41
N ALA B 30 -14.66 20.89 -4.04
CA ALA B 30 -13.55 21.50 -3.29
C ALA B 30 -13.01 22.73 -4.01
N SER B 31 -13.05 23.87 -3.33
CA SER B 31 -12.42 25.08 -3.80
C SER B 31 -10.94 25.15 -3.48
N GLU B 32 -10.42 24.25 -2.67
CA GLU B 32 -9.03 24.39 -2.30
C GLU B 32 -8.42 23.01 -2.23
N PRO B 33 -7.08 22.88 -2.12
CA PRO B 33 -6.47 21.55 -2.11
C PRO B 33 -6.93 20.75 -0.91
N VAL B 34 -7.23 19.48 -1.16
CA VAL B 34 -7.63 18.52 -0.14
C VAL B 34 -6.82 17.26 -0.33
N THR B 35 -6.30 16.75 0.77
CA THR B 35 -5.57 15.50 0.83
C THR B 35 -6.54 14.40 1.27
N VAL B 36 -6.54 13.30 0.55
CA VAL B 36 -7.26 12.11 0.99
C VAL B 36 -6.23 11.18 1.61
N ASP B 37 -6.46 10.81 2.88
CA ASP B 37 -5.42 10.22 3.73
C ASP B 37 -6.03 9.12 4.58
N GLY B 38 -5.66 7.86 4.31
CA GLY B 38 -6.16 6.72 5.06
C GLY B 38 -7.67 6.65 5.17
N GLY B 39 -8.39 7.07 4.13
CA GLY B 39 -9.83 7.09 4.18
C GLY B 39 -10.47 8.38 4.64
N ARG B 40 -9.68 9.34 5.12
CA ARG B 40 -10.27 10.61 5.63
C ARG B 40 -9.66 11.82 4.93
N LEU B 41 -10.41 12.93 4.86
CA LEU B 41 -9.90 14.13 4.22
C LEU B 41 -9.04 14.89 5.22
N LEU B 42 -7.97 15.49 4.70
CA LEU B 42 -6.98 16.18 5.50
C LEU B 42 -6.78 17.54 4.86
N VAL B 43 -6.84 18.60 5.68
CA VAL B 43 -6.67 19.96 5.21
C VAL B 43 -5.71 20.70 6.14
N CYS B 44 -4.74 21.39 5.55
CA CYS B 44 -3.76 22.18 6.28
C CYS B 44 -4.07 23.67 6.12
N ARG B 45 -4.36 24.34 7.23
CA ARG B 45 -4.64 25.76 7.19
C ARG B 45 -4.05 26.41 8.43
N SER B 46 -3.76 27.69 8.33
CA SER B 46 -3.17 28.42 9.46
C SER B 46 -4.14 29.48 9.98
N PRO B 47 -5.09 29.08 10.83
CA PRO B 47 -5.93 30.06 11.52
C PRO B 47 -5.09 30.95 12.43
N GLY B 48 -5.71 31.99 12.96
CA GLY B 48 -5.04 32.85 13.93
C GLY B 48 -5.06 32.23 15.30
N PRO B 49 -4.32 32.85 16.24
CA PRO B 49 -4.27 32.32 17.61
C PRO B 49 -5.56 32.53 18.40
N GLU B 50 -6.46 33.38 17.94
CA GLU B 50 -7.66 33.75 18.67
C GLU B 50 -8.69 32.59 18.65
N GLY B 51 -9.82 32.80 19.33
CA GLY B 51 -10.92 31.84 19.31
C GLY B 51 -12.02 32.36 20.21
N PHE B 52 -13.20 31.73 20.10
CA PHE B 52 -13.53 30.65 19.18
C PHE B 52 -14.04 31.19 17.86
N TYR B 53 -13.61 30.62 16.73
CA TYR B 53 -14.13 31.09 15.46
C TYR B 53 -14.03 30.00 14.41
N LYS B 54 -14.67 30.24 13.27
CA LYS B 54 -14.86 29.23 12.23
C LYS B 54 -13.77 29.31 11.17
N VAL B 55 -13.10 28.19 10.94
CA VAL B 55 -11.98 28.07 10.00
C VAL B 55 -12.49 27.32 8.78
N PRO B 56 -12.75 28.00 7.66
CA PRO B 56 -13.28 27.31 6.47
C PRO B 56 -12.28 26.31 5.91
N LEU B 57 -12.75 25.11 5.62
CA LEU B 57 -11.87 24.03 5.19
C LEU B 57 -11.76 23.91 3.67
N GLY B 58 -12.46 24.74 2.91
CA GLY B 58 -12.33 24.74 1.46
C GLY B 58 -12.99 23.59 0.73
N LEU B 59 -14.08 23.05 1.28
CA LEU B 59 -14.75 21.94 0.62
C LEU B 59 -16.19 21.89 1.10
N LYS B 60 -17.01 21.24 0.29
CA LYS B 60 -18.38 20.91 0.64
C LYS B 60 -18.57 19.42 0.36
N VAL B 61 -19.38 18.78 1.18
CA VAL B 61 -19.66 17.36 1.01
C VAL B 61 -21.15 17.16 0.88
N ALA B 62 -21.53 16.16 0.13
CA ALA B 62 -22.90 15.66 0.12
C ALA B 62 -22.86 14.24 0.66
N LEU B 63 -23.17 14.10 1.94
CA LEU B 63 -23.20 12.81 2.60
C LEU B 63 -24.47 12.06 2.23
N PRO B 64 -24.39 10.78 1.88
CA PRO B 64 -25.62 10.02 1.73
C PRO B 64 -26.31 9.91 3.09
N THR B 65 -27.63 9.76 3.04
CA THR B 65 -28.42 9.52 4.24
C THR B 65 -27.85 8.32 5.00
N GLY B 66 -27.79 8.44 6.32
CA GLY B 66 -27.17 7.42 7.12
C GLY B 66 -25.69 7.61 7.32
N TYR B 67 -25.13 8.70 6.82
CA TYR B 67 -23.75 9.07 7.04
C TYR B 67 -23.69 10.40 7.78
N ALA B 68 -22.72 10.54 8.65
CA ALA B 68 -22.35 11.88 9.08
C ALA B 68 -20.85 11.95 8.97
N MET B 69 -20.28 13.07 9.38
CA MET B 69 -18.87 13.31 9.18
C MET B 69 -18.38 14.08 10.39
N LEU B 70 -17.36 13.52 11.02
CA LEU B 70 -16.66 14.20 12.10
C LEU B 70 -15.57 15.10 11.53
N VAL B 71 -15.55 16.35 11.97
CA VAL B 71 -14.47 17.29 11.72
C VAL B 71 -13.70 17.51 13.03
N ALA B 72 -12.38 17.29 13.01
CA ALA B 72 -11.51 17.57 14.16
C ALA B 72 -10.11 17.86 13.65
N GLN B 73 -9.19 18.07 14.59
CA GLN B 73 -7.79 18.42 14.31
C GLN B 73 -6.94 17.18 14.18
N ARG B 74 -5.94 17.29 13.33
CA ARG B 74 -4.92 16.24 13.19
C ARG B 74 -3.71 16.63 14.05
N GLY B 75 -3.48 15.89 15.13
CA GLY B 75 -2.27 16.08 15.92
C GLY B 75 -2.16 17.40 16.67
N GLY B 76 -3.26 17.92 17.18
CA GLY B 76 -3.21 19.10 18.02
C GLY B 76 -4.48 19.20 18.83
N GLY B 77 -4.47 20.11 19.80
CA GLY B 77 -5.62 20.22 20.69
C GLY B 77 -6.28 21.56 20.83
N ARG B 78 -6.65 22.20 19.73
CA ARG B 78 -7.34 23.48 19.85
C ARG B 78 -8.68 23.50 19.11
N THR B 79 -9.17 22.36 18.63
CA THR B 79 -10.36 22.29 17.78
C THR B 79 -11.49 21.57 18.50
N THR B 80 -12.70 22.14 18.42
CA THR B 80 -13.88 21.42 18.86
C THR B 80 -14.22 20.35 17.83
N ASN B 81 -14.63 19.17 18.31
CA ASN B 81 -15.11 18.15 17.37
C ASN B 81 -16.47 18.55 16.80
N GLY B 82 -16.56 18.67 15.47
CA GLY B 82 -17.82 18.97 14.77
C GLY B 82 -18.46 17.80 14.04
N ILE B 83 -19.76 17.90 13.77
CA ILE B 83 -20.51 16.81 13.17
C ILE B 83 -21.24 17.40 11.99
N VAL B 84 -20.93 16.95 10.80
CA VAL B 84 -21.62 17.42 9.60
C VAL B 84 -22.65 16.37 9.24
N ASP B 85 -23.90 16.79 9.00
CA ASP B 85 -24.93 15.80 8.74
C ASP B 85 -25.19 15.66 7.24
N ALA B 86 -25.97 14.64 6.87
CA ALA B 86 -26.13 14.35 5.45
C ALA B 86 -26.90 15.42 4.70
N GLY B 87 -27.66 16.26 5.39
CA GLY B 87 -28.34 17.34 4.70
C GLY B 87 -27.57 18.63 4.53
N PHE B 88 -26.33 18.71 5.04
CA PHE B 88 -25.58 19.96 5.05
C PHE B 88 -24.86 20.17 3.72
N ARG B 89 -25.11 21.31 3.08
CA ARG B 89 -24.54 21.60 1.77
C ARG B 89 -23.65 22.84 1.76
N GLY B 90 -23.44 23.49 2.91
CA GLY B 90 -22.54 24.62 2.99
C GLY B 90 -21.08 24.19 3.06
N GLU B 91 -20.21 25.20 3.11
CA GLU B 91 -18.79 24.92 3.26
C GLU B 91 -18.54 24.27 4.61
N VAL B 92 -17.58 23.35 4.65
CA VAL B 92 -17.24 22.73 5.91
C VAL B 92 -16.27 23.63 6.64
N GLN B 93 -16.52 23.86 7.93
CA GLN B 93 -15.67 24.68 8.76
C GLN B 93 -15.20 23.87 9.94
N ALA B 94 -13.99 24.16 10.41
CA ALA B 94 -13.57 23.75 11.73
C ALA B 94 -13.80 24.94 12.66
N ILE B 95 -14.21 24.64 13.90
CA ILE B 95 -14.39 25.66 14.95
C ILE B 95 -13.30 25.43 15.99
N VAL B 96 -12.42 26.41 16.15
CA VAL B 96 -11.22 26.25 16.94
C VAL B 96 -11.25 27.12 18.20
N ALA B 97 -10.57 26.67 19.25
CA ALA B 97 -10.42 27.49 20.49
C ALA B 97 -9.12 28.30 20.38
N PRO B 98 -8.85 29.29 21.27
CA PRO B 98 -7.61 30.09 21.21
C PRO B 98 -6.39 29.14 21.22
N GLY B 99 -5.37 29.38 20.38
CA GLY B 99 -4.31 28.36 20.36
C GLY B 99 -3.19 28.68 19.42
N ARG B 100 -2.29 27.73 19.22
CA ARG B 100 -1.13 27.85 18.32
C ARG B 100 -1.63 28.06 16.89
N PRO B 101 -1.12 29.07 16.18
CA PRO B 101 -1.62 29.45 14.86
C PRO B 101 -1.67 28.47 13.67
N ARG B 102 -0.96 27.34 13.71
CA ARG B 102 -1.14 26.44 12.54
C ARG B 102 -1.95 25.20 12.92
N ALA B 103 -2.69 24.62 11.98
CA ALA B 103 -3.54 23.47 12.30
C ALA B 103 -3.76 22.60 11.06
N GLN B 104 -3.84 21.29 11.30
CA GLN B 104 -4.30 20.34 10.30
C GLN B 104 -5.63 19.75 10.75
N PHE B 105 -6.53 19.53 9.79
CA PHE B 105 -7.90 19.13 10.08
C PHE B 105 -8.26 17.87 9.32
N TYR B 106 -8.78 16.90 10.07
CA TYR B 106 -9.31 15.64 9.55
C TYR B 106 -10.82 15.69 9.44
N CYS B 107 -11.36 14.98 8.44
CA CYS B 107 -12.79 14.77 8.30
C CYS B 107 -13.00 13.27 8.19
N THR B 108 -13.83 12.69 9.05
CA THR B 108 -14.01 11.24 9.06
C THR B 108 -15.48 10.93 8.88
N PRO B 109 -15.89 10.34 7.77
CA PRO B 109 -17.30 9.99 7.60
C PRO B 109 -17.69 8.91 8.58
N LEU B 110 -18.88 9.04 9.15
CA LEU B 110 -19.39 8.10 10.14
C LEU B 110 -20.60 7.38 9.59
N ARG B 111 -20.53 6.04 9.51
CA ARG B 111 -21.70 5.23 9.17
C ARG B 111 -22.66 5.16 10.36
N LEU B 112 -23.81 5.83 10.25
CA LEU B 112 -24.76 5.94 11.35
C LEU B 112 -25.47 4.62 11.64
N ALA B 113 -25.70 4.34 12.95
CA ALA B 113 -26.60 3.24 13.32
C ALA B 113 -28.03 3.73 13.49
N PRO B 114 -29.00 2.85 13.31
CA PRO B 114 -30.41 3.28 13.44
C PRO B 114 -30.81 3.68 14.86
N GLY B 115 -30.48 2.86 15.84
CA GLY B 115 -30.82 3.19 17.21
C GLY B 115 -30.03 2.33 18.16
N ILE B 116 -30.34 2.48 19.44
CA ILE B 116 -29.78 1.67 20.51
C ILE B 116 -30.86 1.39 21.54
N ALA B 117 -30.79 0.21 22.15
CA ALA B 117 -31.76 -0.14 23.19
C ALA B 117 -31.47 0.63 24.48
N THR B 118 -32.54 1.12 25.10
CA THR B 118 -32.46 1.89 26.33
C THR B 118 -33.55 1.41 27.29
N ASP B 119 -33.29 1.52 28.59
CA ASP B 119 -34.26 1.03 29.58
C ASP B 119 -35.53 1.88 29.55
N VAL B 120 -35.37 3.19 29.40
CA VAL B 120 -36.43 4.18 29.24
C VAL B 120 -36.70 4.32 27.74
N PRO B 121 -37.94 4.58 27.30
CA PRO B 121 -38.18 4.84 25.88
C PRO B 121 -37.26 5.94 25.36
N PHE B 122 -36.60 5.66 24.22
CA PHE B 122 -35.50 6.50 23.76
C PHE B 122 -35.92 7.95 23.58
N PHE B 123 -37.07 8.19 22.96
CA PHE B 123 -37.47 9.55 22.63
C PHE B 123 -38.16 10.26 23.79
N GLU B 124 -38.20 9.65 24.96
CA GLU B 124 -38.56 10.40 26.15
C GLU B 124 -37.39 11.16 26.74
N VAL B 125 -36.17 10.88 26.26
CA VAL B 125 -34.96 11.55 26.73
C VAL B 125 -34.30 12.36 25.61
N PHE B 126 -34.12 11.75 24.44
CA PHE B 126 -33.50 12.44 23.33
C PHE B 126 -34.56 12.89 22.33
N ALA B 127 -34.27 14.03 21.66
CA ALA B 127 -35.22 14.67 20.78
C ALA B 127 -35.25 13.98 19.41
N PRO B 128 -36.43 13.82 18.81
CA PRO B 128 -36.48 13.22 17.48
C PRO B 128 -35.69 14.03 16.46
N LYS B 129 -35.18 13.36 15.44
CA LYS B 129 -34.36 13.96 14.39
C LYS B 129 -34.87 13.54 13.02
N ARG B 130 -34.31 14.15 11.99
CA ARG B 130 -34.53 13.65 10.63
C ARG B 130 -33.54 12.55 10.32
N ASP B 131 -33.92 11.67 9.38
CA ASP B 131 -32.96 10.73 8.82
C ASP B 131 -31.74 11.47 8.26
N GLU B 132 -31.97 12.64 7.68
CA GLU B 132 -30.85 13.44 7.18
C GLU B 132 -29.95 13.92 8.32
N ASP B 133 -30.53 14.27 9.47
CA ASP B 133 -29.72 14.74 10.60
C ASP B 133 -28.84 13.61 11.13
N ALA B 134 -27.73 14.00 11.72
CA ALA B 134 -26.80 13.03 12.25
C ALA B 134 -27.19 12.57 13.65
N GLY B 135 -27.51 13.52 14.52
CA GLY B 135 -27.61 13.24 15.92
C GLY B 135 -28.95 13.64 16.50
N TYR B 136 -29.15 13.23 17.75
CA TYR B 136 -30.37 13.41 18.50
C TYR B 136 -30.05 14.39 19.63
N ASP B 137 -30.66 15.58 19.57
CA ASP B 137 -30.39 16.65 20.51
C ASP B 137 -30.69 16.23 21.95
N ILE B 138 -29.87 16.73 22.88
CA ILE B 138 -29.93 16.32 24.28
C ILE B 138 -30.37 17.54 25.10
N PRO B 139 -31.59 17.54 25.63
CA PRO B 139 -32.03 18.68 26.43
C PRO B 139 -31.37 18.67 27.81
N CYS B 140 -30.97 19.85 28.26
CA CYS B 140 -30.31 19.96 29.57
C CYS B 140 -31.29 19.59 30.67
N PRO B 141 -30.99 18.60 31.50
CA PRO B 141 -31.99 18.09 32.47
C PRO B 141 -32.25 19.03 33.64
N ARG B 142 -31.54 20.13 33.74
CA ARG B 142 -31.58 21.05 34.88
C ARG B 142 -30.83 22.30 34.49
N GLU B 143 -31.18 23.41 35.12
CA GLU B 143 -30.48 24.65 34.85
C GLU B 143 -29.00 24.52 35.23
N LEU B 144 -28.15 25.23 34.50
CA LEU B 144 -26.71 25.19 34.69
C LEU B 144 -26.15 26.60 34.53
N VAL B 145 -25.47 27.09 35.56
CA VAL B 145 -24.80 28.38 35.49
C VAL B 145 -23.30 28.11 35.52
N LEU B 146 -22.66 28.19 34.35
CA LEU B 146 -21.22 27.91 34.27
C LEU B 146 -20.45 29.22 34.29
N PRO B 147 -19.76 29.53 35.37
CA PRO B 147 -18.87 30.69 35.36
C PRO B 147 -17.73 30.47 34.38
N PRO B 148 -17.00 31.52 34.01
CA PRO B 148 -15.82 31.34 33.16
C PRO B 148 -14.92 30.25 33.73
N GLY B 149 -14.42 29.38 32.86
CA GLY B 149 -13.62 28.27 33.28
C GLY B 149 -14.38 27.14 33.94
N GLY B 150 -15.65 27.34 34.28
CA GLY B 150 -16.39 26.33 35.04
C GLY B 150 -16.83 25.15 34.18
N ALA B 151 -16.81 23.97 34.80
CA ALA B 151 -17.23 22.73 34.18
C ALA B 151 -18.25 22.04 35.07
N GLU B 152 -19.17 21.31 34.44
CA GLU B 152 -20.19 20.56 35.15
C GLU B 152 -20.38 19.24 34.44
N THR B 153 -20.64 18.19 35.21
CA THR B 153 -20.98 16.90 34.66
C THR B 153 -22.49 16.81 34.52
N VAL B 154 -22.96 16.63 33.29
CA VAL B 154 -24.38 16.51 33.01
C VAL B 154 -24.72 15.04 32.90
N THR B 155 -25.79 14.63 33.59
CA THR B 155 -26.19 13.23 33.67
C THR B 155 -27.69 13.14 33.42
N LEU B 156 -28.06 12.21 32.54
CA LEU B 156 -29.38 11.90 32.02
C LEU B 156 -29.92 10.61 32.61
N PRO B 157 -31.23 10.53 32.86
CA PRO B 157 -31.80 9.35 33.54
C PRO B 157 -32.17 8.26 32.54
N VAL B 158 -31.15 7.64 31.96
CA VAL B 158 -31.36 6.60 30.97
C VAL B 158 -30.12 5.72 30.93
N HIS B 159 -30.34 4.42 30.76
CA HIS B 159 -29.27 3.44 30.64
C HIS B 159 -29.39 2.70 29.32
N ARG B 160 -28.25 2.28 28.78
CA ARG B 160 -28.25 1.35 27.67
C ARG B 160 -28.46 -0.06 28.20
N THR B 161 -29.14 -0.90 27.42
CA THR B 161 -29.48 -2.24 27.87
C THR B 161 -28.76 -3.35 27.10
N ASP B 162 -27.94 -3.01 26.11
CA ASP B 162 -27.06 -3.97 25.44
C ASP B 162 -25.96 -3.17 24.75
N GLY B 163 -25.16 -3.84 23.92
CA GLY B 163 -24.11 -3.12 23.24
C GLY B 163 -24.00 -3.41 21.76
N ARG B 164 -25.10 -3.21 21.02
CA ARG B 164 -25.13 -3.62 19.60
C ARG B 164 -24.47 -2.59 18.68
N HIS B 165 -24.60 -1.30 18.99
CA HIS B 165 -23.91 -0.25 18.24
C HIS B 165 -23.14 0.64 19.22
N TRP B 166 -22.59 1.72 18.70
CA TRP B 166 -21.94 2.68 19.59
C TRP B 166 -22.75 3.97 19.66
N ALA B 167 -22.47 4.76 20.68
CA ALA B 167 -23.15 6.01 20.90
C ALA B 167 -22.17 7.00 21.52
N TYR B 168 -22.29 8.26 21.12
CA TYR B 168 -21.31 9.28 21.45
C TYR B 168 -22.04 10.59 21.68
N VAL B 169 -21.74 11.25 22.79
CA VAL B 169 -22.21 12.60 23.01
C VAL B 169 -21.17 13.57 22.47
N PHE B 170 -21.63 14.43 21.55
CA PHE B 170 -20.87 15.48 20.89
C PHE B 170 -21.57 16.81 21.16
N GLY B 171 -20.79 17.89 21.12
CA GLY B 171 -21.35 19.21 21.24
C GLY B 171 -22.18 19.59 20.03
N ARG B 172 -22.82 20.74 20.14
CA ARG B 172 -23.55 21.33 19.04
C ARG B 172 -22.76 22.52 18.52
N SER B 173 -22.81 22.72 17.20
CA SER B 173 -22.06 23.80 16.56
C SER B 173 -22.29 25.13 17.26
N SER B 174 -23.55 25.46 17.51
CA SER B 174 -23.88 26.71 18.16
C SER B 174 -23.16 26.88 19.48
N LEU B 175 -23.12 25.81 20.29
CA LEU B 175 -22.43 25.94 21.57
C LEU B 175 -20.91 25.95 21.39
N ASN B 176 -20.38 25.11 20.49
CA ASN B 176 -18.93 25.11 20.28
C ASN B 176 -18.42 26.50 19.89
N LEU B 177 -19.15 27.22 19.04
CA LEU B 177 -18.71 28.55 18.61
C LEU B 177 -18.73 29.54 19.79
N ARG B 178 -19.53 29.26 20.81
CA ARG B 178 -19.48 30.14 21.96
C ARG B 178 -18.39 29.76 22.94
N GLY B 179 -17.58 28.75 22.64
CA GLY B 179 -16.64 28.27 23.63
C GLY B 179 -17.26 27.55 24.81
N ILE B 180 -18.52 27.16 24.70
CA ILE B 180 -19.14 26.26 25.65
C ILE B 180 -18.99 24.87 25.04
N VAL B 181 -18.11 24.06 25.64
CA VAL B 181 -17.54 22.91 24.96
C VAL B 181 -18.00 21.65 25.66
N VAL B 182 -18.82 20.85 24.98
CA VAL B 182 -19.16 19.52 25.46
C VAL B 182 -17.98 18.60 25.16
N PHE B 183 -17.56 17.86 26.15
CA PHE B 183 -16.48 16.90 25.96
C PHE B 183 -17.02 15.71 25.16
N PRO B 184 -16.49 15.43 23.97
CA PRO B 184 -16.94 14.21 23.25
C PRO B 184 -16.76 12.99 24.15
N THR B 185 -17.86 12.29 24.41
CA THR B 185 -17.94 11.26 25.43
C THR B 185 -18.59 10.01 24.84
N PRO B 186 -18.02 8.82 25.04
CA PRO B 186 -18.71 7.60 24.63
C PRO B 186 -19.76 7.20 25.66
N TRP B 187 -20.73 6.40 25.21
CA TRP B 187 -21.78 5.88 26.09
C TRP B 187 -22.04 4.42 25.77
N GLU B 188 -21.48 3.53 26.56
CA GLU B 188 -21.73 2.10 26.39
C GLU B 188 -22.34 1.45 27.62
N SER B 189 -22.11 2.01 28.80
CA SER B 189 -22.67 1.51 30.04
C SER B 189 -23.06 2.69 30.92
N GLY B 190 -23.78 2.39 31.99
CA GLY B 190 -24.18 3.40 32.94
C GLY B 190 -25.11 4.45 32.36
N PRO B 191 -25.28 5.56 33.06
CA PRO B 191 -26.18 6.60 32.57
C PRO B 191 -25.50 7.49 31.54
N CYS B 192 -26.31 8.08 30.67
CA CYS B 192 -25.77 8.98 29.67
C CYS B 192 -25.19 10.19 30.38
N ARG B 193 -23.86 10.35 30.28
CA ARG B 193 -23.12 11.38 30.99
C ARG B 193 -22.17 12.09 30.03
N PHE B 194 -21.95 13.37 30.28
CA PHE B 194 -20.94 14.11 29.55
C PHE B 194 -20.57 15.35 30.34
N ARG B 195 -19.31 15.74 30.23
CA ARG B 195 -18.83 16.96 30.85
C ARG B 195 -19.02 18.13 29.91
N ILE B 196 -19.34 19.29 30.47
CA ILE B 196 -19.43 20.53 29.70
C ILE B 196 -18.63 21.59 30.43
N GLN B 197 -17.85 22.37 29.69
CA GLN B 197 -16.99 23.39 30.28
C GLN B 197 -17.19 24.71 29.56
N ASN B 198 -17.28 25.80 30.34
CA ASN B 198 -17.38 27.14 29.77
C ASN B 198 -15.99 27.72 29.65
N ARG B 199 -15.45 27.71 28.44
CA ARG B 199 -14.20 28.41 28.17
C ARG B 199 -14.42 29.86 27.76
N GLY B 200 -15.65 30.36 27.82
CA GLY B 200 -15.92 31.71 27.37
C GLY B 200 -15.42 32.75 28.34
N ALA B 201 -15.63 34.01 27.95
CA ALA B 201 -15.23 35.10 28.86
C ALA B 201 -16.27 35.33 29.95
N HIS B 202 -17.59 35.26 29.61
CA HIS B 202 -18.68 35.55 30.52
C HIS B 202 -19.27 34.25 31.08
N PRO B 203 -19.87 34.30 32.27
CA PRO B 203 -20.62 33.14 32.75
C PRO B 203 -21.79 32.83 31.85
N VAL B 204 -22.12 31.55 31.75
CA VAL B 204 -23.19 31.10 30.86
C VAL B 204 -24.24 30.38 31.68
N THR B 205 -25.51 30.56 31.30
CA THR B 205 -26.62 29.85 31.91
C THR B 205 -27.27 28.96 30.87
N LEU B 206 -27.32 27.67 31.15
CA LEU B 206 -28.03 26.70 30.32
C LEU B 206 -29.36 26.41 31.01
N GLU B 207 -30.45 26.67 30.32
CA GLU B 207 -31.76 26.47 30.93
C GLU B 207 -32.11 25.00 30.87
N SER B 208 -32.88 24.55 31.85
CA SER B 208 -33.39 23.18 31.83
C SER B 208 -34.25 22.99 30.59
N GLY B 209 -33.97 21.94 29.84
CA GLY B 209 -34.64 21.71 28.57
C GLY B 209 -33.92 22.27 27.36
N GLN B 210 -32.96 23.17 27.55
CA GLN B 210 -32.19 23.70 26.43
C GLN B 210 -31.37 22.60 25.77
N ARG B 211 -31.29 22.63 24.45
CA ARG B 211 -30.52 21.64 23.69
C ARG B 211 -29.03 21.96 23.81
N VAL B 212 -28.29 21.11 24.51
CA VAL B 212 -26.93 21.43 24.93
C VAL B 212 -25.89 20.49 24.34
N ALA B 213 -26.28 19.41 23.68
CA ALA B 213 -25.38 18.44 23.10
C ALA B 213 -26.18 17.61 22.11
N GLN B 214 -25.52 16.67 21.45
CA GLN B 214 -26.24 15.71 20.64
C GLN B 214 -25.62 14.32 20.77
N LEU B 215 -26.46 13.32 20.56
CA LEU B 215 -26.08 11.93 20.66
C LEU B 215 -26.00 11.36 19.25
N VAL B 216 -24.83 10.82 18.88
CA VAL B 216 -24.62 10.20 17.58
C VAL B 216 -24.43 8.71 17.79
N LEU B 217 -25.11 7.91 16.98
CA LEU B 217 -25.05 6.46 17.02
C LEU B 217 -24.31 5.98 15.77
N THR B 218 -23.32 5.10 15.96
CA THR B 218 -22.42 4.71 14.89
C THR B 218 -22.39 3.19 14.75
N ARG B 219 -22.23 2.74 13.49
CA ARG B 219 -22.04 1.32 13.20
C ARG B 219 -20.67 0.84 13.68
N GLU B 220 -19.68 1.72 13.78
CA GLU B 220 -18.33 1.34 14.18
C GLU B 220 -17.86 2.26 15.28
N PRO B 221 -17.07 1.73 16.21
CA PRO B 221 -16.64 2.55 17.35
C PRO B 221 -15.71 3.65 16.89
N LEU B 222 -15.70 4.73 17.68
CA LEU B 222 -14.71 5.81 17.58
C LEU B 222 -13.78 5.58 18.77
N GLY B 223 -12.73 4.78 18.55
CA GLY B 223 -11.93 4.28 19.66
C GLY B 223 -11.27 5.37 20.46
N TRP B 224 -10.96 6.50 19.83
CA TRP B 224 -10.18 7.54 20.51
C TRP B 224 -11.01 8.39 21.45
N ILE B 225 -12.33 8.41 21.30
CA ILE B 225 -13.21 9.30 22.06
C ILE B 225 -13.40 8.74 23.46
N THR B 226 -12.91 9.48 24.46
CA THR B 226 -12.85 9.03 25.84
C THR B 226 -13.75 9.81 26.80
N GLY B 227 -14.20 11.00 26.42
CA GLY B 227 -14.94 11.81 27.36
C GLY B 227 -14.09 12.66 28.29
N ARG B 228 -12.77 12.53 28.26
CA ARG B 228 -11.93 13.19 29.25
C ARG B 228 -11.29 14.50 28.76
N SER B 229 -11.56 14.93 27.54
CA SER B 229 -10.85 16.11 27.08
C SER B 229 -11.76 16.96 26.20
N PRO B 230 -11.59 18.29 26.23
CA PRO B 230 -12.45 19.16 25.42
C PRO B 230 -12.19 19.07 23.94
N PHE B 231 -10.98 18.68 23.52
CA PHE B 231 -10.52 18.88 22.14
C PHE B 231 -9.83 17.62 21.62
N PRO B 232 -10.51 16.49 21.60
CA PRO B 232 -9.82 15.24 21.24
C PRO B 232 -9.43 15.28 19.76
N ALA B 233 -8.14 15.09 19.48
CA ALA B 233 -7.72 14.95 18.10
C ALA B 233 -8.14 13.58 17.53
N THR B 234 -8.49 13.58 16.23
CA THR B 234 -8.70 12.32 15.51
C THR B 234 -7.34 11.72 15.15
N PRO B 235 -7.06 10.46 15.48
CA PRO B 235 -5.74 9.88 15.22
C PRO B 235 -5.50 9.60 13.74
N ARG B 236 -4.22 9.50 13.38
CA ARG B 236 -3.79 9.33 11.98
C ARG B 236 -4.10 7.95 11.41
N ALA B 237 -4.33 6.94 12.23
CA ALA B 237 -4.56 5.60 11.72
C ALA B 237 -5.74 5.58 10.75
N PRO B 238 -5.68 4.76 9.70
CA PRO B 238 -6.82 4.61 8.80
C PRO B 238 -8.02 3.95 9.48
N MET B 239 -9.14 4.02 8.78
CA MET B 239 -10.40 3.47 9.26
C MET B 239 -10.68 2.10 8.64
N GLN B 240 -11.67 1.42 9.22
CA GLN B 240 -12.02 0.05 8.87
C GLN B 240 -13.15 -0.05 7.85
N HIS B 241 -14.13 0.84 7.86
CA HIS B 241 -15.21 0.76 6.89
C HIS B 241 -15.22 1.99 5.99
N ARG B 242 -14.12 2.17 5.26
CA ARG B 242 -13.84 3.38 4.48
C ARG B 242 -14.78 3.54 3.30
N PRO B 243 -15.50 4.64 3.19
CA PRO B 243 -16.30 4.91 1.98
C PRO B 243 -15.47 5.55 0.88
N ALA B 244 -16.10 5.68 -0.29
CA ALA B 244 -15.45 6.26 -1.46
C ALA B 244 -15.78 7.75 -1.57
N TRP B 245 -14.81 8.54 -2.00
CA TRP B 245 -15.01 9.97 -2.23
C TRP B 245 -15.03 10.24 -3.73
N LEU B 246 -16.02 10.99 -4.20
CA LEU B 246 -16.02 11.50 -5.56
C LEU B 246 -15.67 12.98 -5.51
N PHE B 247 -14.57 13.35 -6.16
CA PHE B 247 -14.19 14.77 -6.27
C PHE B 247 -14.77 15.30 -7.57
N ALA B 248 -15.83 16.09 -7.46
CA ALA B 248 -16.47 16.70 -8.62
C ALA B 248 -16.25 18.21 -8.63
N THR C 25 22.98 -11.39 3.22
CA THR C 25 21.58 -11.02 3.38
C THR C 25 21.10 -10.07 2.26
N ILE C 26 19.97 -10.43 1.66
CA ILE C 26 19.43 -9.70 0.52
C ILE C 26 18.26 -8.87 1.00
N LEU C 27 18.19 -7.63 0.52
CA LEU C 27 17.10 -6.74 0.87
C LEU C 27 16.03 -6.78 -0.19
N VAL C 28 14.76 -6.77 0.24
CA VAL C 28 13.62 -6.99 -0.63
C VAL C 28 12.53 -5.99 -0.23
N CYS C 29 12.14 -5.12 -1.18
CA CYS C 29 11.06 -4.16 -0.98
C CYS C 29 9.88 -4.56 -1.86
N ALA C 30 8.76 -4.91 -1.24
CA ALA C 30 7.67 -5.60 -1.93
C ALA C 30 6.38 -4.80 -1.86
N SER C 31 5.95 -4.30 -3.01
CA SER C 31 4.71 -3.57 -3.19
C SER C 31 3.54 -4.50 -3.49
N GLU C 32 3.79 -5.80 -3.56
CA GLU C 32 2.75 -6.80 -3.74
C GLU C 32 3.16 -7.99 -2.88
N PRO C 33 2.24 -8.92 -2.60
CA PRO C 33 2.59 -10.02 -1.69
C PRO C 33 3.50 -11.06 -2.35
N VAL C 34 4.48 -11.53 -1.58
CA VAL C 34 5.53 -12.45 -2.03
C VAL C 34 5.61 -13.63 -1.07
N THR C 35 5.72 -14.83 -1.62
CA THR C 35 5.84 -16.03 -0.81
C THR C 35 7.30 -16.40 -0.68
N VAL C 36 7.68 -16.84 0.52
CA VAL C 36 9.03 -17.32 0.83
C VAL C 36 8.94 -18.83 0.93
N ASP C 37 9.50 -19.53 -0.06
CA ASP C 37 9.34 -20.98 -0.16
C ASP C 37 10.70 -21.66 -0.33
N GLY C 38 11.16 -22.33 0.72
CA GLY C 38 12.37 -23.14 0.65
C GLY C 38 13.64 -22.41 0.26
N GLY C 39 13.70 -21.11 0.46
CA GLY C 39 14.83 -20.30 0.05
C GLY C 39 14.56 -19.41 -1.14
N ARG C 40 13.50 -19.65 -1.90
CA ARG C 40 13.20 -18.82 -3.05
C ARG C 40 12.01 -17.90 -2.76
N LEU C 41 11.93 -16.82 -3.52
CA LEU C 41 10.72 -16.02 -3.54
C LEU C 41 9.79 -16.63 -4.60
N LEU C 42 8.48 -16.60 -4.29
CA LEU C 42 7.47 -17.30 -5.07
C LEU C 42 6.35 -16.32 -5.30
N VAL C 43 6.09 -15.99 -6.57
CA VAL C 43 5.05 -15.03 -6.94
C VAL C 43 4.07 -15.68 -7.93
N CYS C 44 2.79 -15.46 -7.67
CA CYS C 44 1.70 -15.92 -8.51
C CYS C 44 1.04 -14.71 -9.18
N ARG C 45 1.10 -14.67 -10.52
CA ARG C 45 0.54 -13.57 -11.29
C ARG C 45 -0.29 -14.10 -12.43
N SER C 46 -1.07 -13.20 -13.05
CA SER C 46 -2.01 -13.55 -14.10
C SER C 46 -1.59 -12.89 -15.42
N PRO C 47 -0.49 -13.34 -16.02
CA PRO C 47 -0.11 -12.79 -17.32
C PRO C 47 -1.10 -13.21 -18.38
N GLY C 48 -1.29 -12.35 -19.38
CA GLY C 48 -2.13 -12.69 -20.50
C GLY C 48 -1.47 -13.77 -21.35
N PRO C 49 -2.19 -14.28 -22.34
CA PRO C 49 -1.64 -15.38 -23.15
C PRO C 49 -0.56 -14.94 -24.13
N GLU C 50 -0.32 -13.65 -24.28
CA GLU C 50 0.54 -13.13 -25.34
C GLU C 50 2.01 -13.21 -24.94
N GLY C 51 2.88 -12.88 -25.89
CA GLY C 51 4.31 -12.79 -25.65
C GLY C 51 5.00 -12.27 -26.89
N PHE C 52 6.25 -11.85 -26.72
CA PHE C 52 6.94 -11.81 -25.43
C PHE C 52 6.77 -10.48 -24.70
N TYR C 53 6.68 -10.52 -23.36
CA TYR C 53 6.51 -9.26 -22.64
C TYR C 53 6.90 -9.44 -21.18
N LYS C 54 7.17 -8.31 -20.52
CA LYS C 54 7.64 -8.31 -19.14
C LYS C 54 6.47 -8.45 -18.18
N VAL C 55 6.55 -9.42 -17.27
CA VAL C 55 5.53 -9.61 -16.24
C VAL C 55 6.08 -9.07 -14.93
N PRO C 56 5.60 -7.91 -14.44
CA PRO C 56 6.10 -7.37 -13.17
C PRO C 56 5.73 -8.28 -12.00
N LEU C 57 6.71 -8.55 -11.14
CA LEU C 57 6.57 -9.51 -10.05
C LEU C 57 6.37 -8.84 -8.71
N GLY C 58 6.28 -7.51 -8.68
CA GLY C 58 5.90 -6.80 -7.46
C GLY C 58 6.97 -6.65 -6.40
N LEU C 59 8.24 -6.62 -6.78
CA LEU C 59 9.28 -6.49 -5.78
C LEU C 59 10.54 -5.91 -6.41
N LYS C 60 11.42 -5.41 -5.54
CA LYS C 60 12.76 -5.01 -5.90
C LYS C 60 13.71 -5.64 -4.90
N VAL C 61 14.90 -6.00 -5.37
CA VAL C 61 15.91 -6.61 -4.53
C VAL C 61 17.14 -5.72 -4.52
N ALA C 62 17.86 -5.72 -3.41
CA ALA C 62 19.22 -5.19 -3.36
C ALA C 62 20.14 -6.36 -3.07
N LEU C 63 20.45 -7.11 -4.13
CA LEU C 63 21.45 -8.15 -4.02
C LEU C 63 22.77 -7.56 -3.54
N PRO C 64 23.47 -8.21 -2.62
CA PRO C 64 24.82 -7.75 -2.31
C PRO C 64 25.72 -8.07 -3.48
N THR C 65 26.83 -7.33 -3.56
CA THR C 65 27.87 -7.62 -4.53
C THR C 65 28.36 -9.06 -4.35
N GLY C 66 28.47 -9.76 -5.47
CA GLY C 66 28.81 -11.16 -5.45
C GLY C 66 27.63 -12.08 -5.53
N TYR C 67 26.42 -11.54 -5.59
CA TYR C 67 25.22 -12.33 -5.82
C TYR C 67 24.56 -11.89 -7.11
N ALA C 68 23.84 -12.81 -7.70
CA ALA C 68 22.82 -12.49 -8.68
C ALA C 68 21.59 -13.29 -8.29
N MET C 69 20.62 -13.35 -9.21
CA MET C 69 19.31 -13.90 -8.94
C MET C 69 18.73 -14.41 -10.25
N LEU C 70 18.26 -15.65 -10.20
CA LEU C 70 17.60 -16.27 -11.33
C LEU C 70 16.10 -16.04 -11.20
N VAL C 71 15.48 -15.57 -12.28
CA VAL C 71 14.02 -15.49 -12.37
C VAL C 71 13.57 -16.51 -13.43
N ALA C 72 12.72 -17.47 -13.02
CA ALA C 72 12.12 -18.45 -13.94
C ALA C 72 10.76 -18.84 -13.39
N GLN C 73 10.05 -19.66 -14.15
CA GLN C 73 8.70 -20.10 -13.83
C GLN C 73 8.70 -21.26 -12.85
N ARG C 74 7.64 -21.31 -12.05
CA ARG C 74 7.34 -22.49 -11.24
C ARG C 74 6.35 -23.37 -11.98
N GLY C 75 6.81 -24.54 -12.43
CA GLY C 75 5.89 -25.57 -12.88
C GLY C 75 5.15 -25.27 -14.18
N GLY C 76 5.83 -24.66 -15.14
CA GLY C 76 5.28 -24.45 -16.47
C GLY C 76 6.39 -24.12 -17.44
N GLY C 77 6.04 -24.04 -18.72
CA GLY C 77 7.05 -23.92 -19.75
C GLY C 77 6.97 -22.67 -20.58
N ARG C 78 6.85 -21.53 -19.94
CA ARG C 78 6.48 -20.32 -20.65
C ARG C 78 7.47 -19.16 -20.52
N THR C 79 8.43 -19.25 -19.60
CA THR C 79 9.22 -18.10 -19.19
C THR C 79 10.68 -18.30 -19.56
N THR C 80 11.28 -17.27 -20.14
CA THR C 80 12.72 -17.22 -20.28
C THR C 80 13.36 -17.09 -18.91
N ASN C 81 14.50 -17.76 -18.73
CA ASN C 81 15.23 -17.60 -17.47
C ASN C 81 15.95 -16.25 -17.48
N GLY C 82 15.72 -15.42 -16.46
CA GLY C 82 16.36 -14.11 -16.33
C GLY C 82 17.37 -14.00 -15.20
N ILE C 83 18.22 -12.99 -15.26
CA ILE C 83 19.35 -12.87 -14.35
C ILE C 83 19.27 -11.46 -13.79
N VAL C 84 19.03 -11.35 -12.50
CA VAL C 84 19.02 -10.02 -11.87
C VAL C 84 20.38 -9.82 -11.23
N ASP C 85 21.05 -8.74 -11.57
CA ASP C 85 22.39 -8.56 -11.04
C ASP C 85 22.33 -7.66 -9.80
N ALA C 86 23.45 -7.57 -9.08
CA ALA C 86 23.45 -6.86 -7.82
C ALA C 86 23.26 -5.36 -7.99
N GLY C 87 23.53 -4.83 -9.17
CA GLY C 87 23.35 -3.42 -9.39
C GLY C 87 21.94 -2.96 -9.66
N PHE C 88 21.00 -3.89 -9.85
CA PHE C 88 19.67 -3.54 -10.34
C PHE C 88 18.76 -3.14 -9.19
N ARG C 89 18.09 -2.00 -9.32
CA ARG C 89 17.22 -1.50 -8.25
C ARG C 89 15.80 -1.23 -8.73
N GLY C 90 15.46 -1.59 -9.97
CA GLY C 90 14.09 -1.48 -10.44
C GLY C 90 13.25 -2.69 -10.10
N GLU C 91 12.00 -2.65 -10.52
CA GLU C 91 11.08 -3.75 -10.25
C GLU C 91 11.51 -4.99 -10.99
N VAL C 92 11.51 -6.13 -10.32
CA VAL C 92 11.89 -7.38 -10.95
C VAL C 92 10.80 -7.82 -11.92
N GLN C 93 11.18 -8.08 -13.16
CA GLN C 93 10.18 -8.58 -14.10
C GLN C 93 10.53 -10.01 -14.49
N ALA C 94 9.51 -10.72 -14.91
CA ALA C 94 9.66 -11.96 -15.61
C ALA C 94 9.29 -11.70 -17.06
N ILE C 95 9.99 -12.33 -17.99
CA ILE C 95 9.75 -12.16 -19.42
C ILE C 95 9.27 -13.49 -19.96
N VAL C 96 8.02 -13.53 -20.41
CA VAL C 96 7.38 -14.78 -20.79
C VAL C 96 7.10 -14.87 -22.29
N ALA C 97 7.19 -16.10 -22.80
CA ALA C 97 6.72 -16.42 -24.14
C ALA C 97 5.19 -16.49 -24.13
N PRO C 98 4.56 -16.51 -25.31
CA PRO C 98 3.11 -16.75 -25.36
C PRO C 98 2.74 -18.11 -24.82
N GLY C 99 1.61 -18.22 -24.12
CA GLY C 99 1.22 -19.49 -23.52
C GLY C 99 0.01 -19.39 -22.62
N ARG C 100 -0.06 -20.33 -21.67
CA ARG C 100 -1.16 -20.44 -20.66
C ARG C 100 -1.32 -19.13 -19.89
N PRO C 101 -2.56 -18.71 -19.57
CA PRO C 101 -2.81 -17.44 -18.87
C PRO C 101 -2.31 -17.33 -17.42
N ARG C 102 -2.04 -18.45 -16.75
CA ARG C 102 -1.59 -18.34 -15.37
C ARG C 102 -0.12 -18.75 -15.27
N ALA C 103 0.53 -18.30 -14.20
CA ALA C 103 1.97 -18.52 -14.06
C ALA C 103 2.41 -18.28 -12.62
N GLN C 104 3.40 -19.07 -12.20
CA GLN C 104 4.09 -18.88 -10.94
C GLN C 104 5.57 -18.71 -11.19
N PHE C 105 6.19 -17.75 -10.51
CA PHE C 105 7.59 -17.39 -10.76
C PHE C 105 8.44 -17.60 -9.52
N TYR C 106 9.54 -18.29 -9.72
CA TYR C 106 10.55 -18.42 -8.69
C TYR C 106 11.66 -17.39 -8.90
N CYS C 107 12.28 -17.00 -7.79
CA CYS C 107 13.47 -16.17 -7.79
C CYS C 107 14.49 -16.90 -6.93
N THR C 108 15.65 -17.16 -7.49
CA THR C 108 16.66 -17.98 -6.80
C THR C 108 17.96 -17.19 -6.71
N PRO C 109 18.39 -16.76 -5.54
CA PRO C 109 19.67 -16.02 -5.45
C PRO C 109 20.82 -16.95 -5.78
N LEU C 110 21.80 -16.40 -6.48
CA LEU C 110 22.97 -17.14 -6.95
C LEU C 110 24.19 -16.52 -6.31
N ARG C 111 24.95 -17.32 -5.58
CA ARG C 111 26.22 -16.84 -5.05
C ARG C 111 27.27 -16.97 -6.16
N LEU C 112 27.74 -15.84 -6.69
CA LEU C 112 28.62 -15.90 -7.84
C LEU C 112 30.02 -16.34 -7.43
N ALA C 113 30.68 -17.12 -8.31
CA ALA C 113 32.11 -17.41 -8.14
C ALA C 113 32.95 -16.37 -8.88
N PRO C 114 34.15 -16.09 -8.38
CA PRO C 114 34.99 -15.08 -9.05
C PRO C 114 35.38 -15.48 -10.47
N GLY C 115 35.82 -16.71 -10.67
CA GLY C 115 36.32 -17.08 -11.98
C GLY C 115 36.26 -18.57 -12.17
N ILE C 116 36.58 -18.99 -13.39
CA ILE C 116 36.80 -20.41 -13.67
C ILE C 116 38.09 -20.55 -14.47
N ALA C 117 38.72 -21.72 -14.34
CA ALA C 117 39.95 -22.00 -15.06
C ALA C 117 39.64 -22.47 -16.48
N THR C 118 40.33 -21.87 -17.46
CA THR C 118 40.11 -22.17 -18.87
C THR C 118 41.45 -22.40 -19.56
N ASP C 119 41.39 -22.96 -20.76
CA ASP C 119 42.64 -23.28 -21.48
C ASP C 119 43.21 -22.06 -22.19
N VAL C 120 42.36 -21.10 -22.57
CA VAL C 120 42.80 -19.83 -23.11
C VAL C 120 42.46 -18.75 -22.09
N PRO C 121 43.11 -17.58 -22.13
CA PRO C 121 42.73 -16.51 -21.20
C PRO C 121 41.25 -16.16 -21.31
N PHE C 122 40.57 -16.24 -20.15
CA PHE C 122 39.12 -16.03 -20.08
C PHE C 122 38.67 -14.81 -20.87
N PHE C 123 39.33 -13.68 -20.64
CA PHE C 123 38.87 -12.40 -21.19
C PHE C 123 39.25 -12.18 -22.65
N GLU C 124 39.80 -13.19 -23.32
CA GLU C 124 39.92 -13.15 -24.78
C GLU C 124 38.66 -13.65 -25.47
N VAL C 125 37.80 -14.34 -24.72
CA VAL C 125 36.56 -14.90 -25.26
C VAL C 125 35.33 -14.22 -24.66
N PHE C 126 35.34 -14.04 -23.35
CA PHE C 126 34.21 -13.46 -22.64
C PHE C 126 34.51 -12.00 -22.32
N ALA C 127 33.49 -11.15 -22.49
CA ALA C 127 33.64 -9.72 -22.27
C ALA C 127 33.75 -9.41 -20.78
N PRO C 128 34.67 -8.55 -20.37
CA PRO C 128 34.80 -8.21 -18.95
C PRO C 128 33.55 -7.49 -18.43
N LYS C 129 33.35 -7.56 -17.12
CA LYS C 129 32.15 -7.02 -16.49
C LYS C 129 32.51 -6.22 -15.24
N ARG C 130 31.52 -5.50 -14.72
CA ARG C 130 31.63 -4.89 -13.41
C ARG C 130 31.32 -5.92 -12.33
N ASP C 131 31.74 -5.61 -11.10
CA ASP C 131 31.34 -6.46 -9.98
C ASP C 131 29.85 -6.34 -9.69
N GLU C 132 29.26 -5.17 -9.91
CA GLU C 132 27.81 -5.04 -9.78
C GLU C 132 27.06 -5.86 -10.82
N ASP C 133 27.73 -6.30 -11.88
CA ASP C 133 27.11 -7.14 -12.88
C ASP C 133 27.18 -8.60 -12.44
N ALA C 134 26.30 -9.40 -13.02
CA ALA C 134 26.28 -10.83 -12.73
C ALA C 134 27.09 -11.63 -13.75
N GLY C 135 26.98 -11.30 -15.03
CA GLY C 135 27.51 -12.16 -16.05
C GLY C 135 28.47 -11.49 -17.00
N TYR C 136 29.27 -12.30 -17.70
CA TYR C 136 30.21 -11.84 -18.71
C TYR C 136 29.58 -12.07 -20.08
N ASP C 137 29.42 -11.00 -20.85
CA ASP C 137 28.75 -11.08 -22.14
C ASP C 137 29.54 -11.94 -23.13
N ILE C 138 28.81 -12.59 -24.03
CA ILE C 138 29.38 -13.53 -24.98
C ILE C 138 29.21 -12.96 -26.39
N PRO C 139 30.25 -12.48 -27.04
CA PRO C 139 30.08 -11.98 -28.40
C PRO C 139 29.87 -13.13 -29.38
N CYS C 140 28.96 -12.92 -30.33
CA CYS C 140 28.65 -13.92 -31.33
C CYS C 140 29.89 -14.19 -32.19
N PRO C 141 30.36 -15.44 -32.27
CA PRO C 141 31.56 -15.71 -33.09
C PRO C 141 31.40 -15.36 -34.56
N ARG C 142 30.21 -15.55 -35.14
CA ARG C 142 29.98 -15.26 -36.55
C ARG C 142 28.53 -14.84 -36.74
N GLU C 143 28.23 -14.31 -37.92
CA GLU C 143 26.88 -13.86 -38.18
C GLU C 143 25.90 -15.03 -38.23
N LEU C 144 24.74 -14.84 -37.61
CA LEU C 144 23.66 -15.84 -37.64
C LEU C 144 22.43 -15.22 -38.29
N VAL C 145 21.88 -15.92 -39.27
CA VAL C 145 20.56 -15.58 -39.80
C VAL C 145 19.58 -16.62 -39.26
N LEU C 146 18.73 -16.20 -38.34
CA LEU C 146 17.76 -17.09 -37.70
C LEU C 146 16.38 -16.83 -38.28
N PRO C 147 15.92 -17.65 -39.21
CA PRO C 147 14.54 -17.51 -39.68
C PRO C 147 13.56 -17.78 -38.55
N PRO C 148 12.30 -17.41 -38.72
CA PRO C 148 11.31 -17.74 -37.69
C PRO C 148 11.28 -19.24 -37.44
N GLY C 149 11.41 -19.61 -36.17
CA GLY C 149 11.49 -20.99 -35.78
C GLY C 149 12.89 -21.57 -35.73
N GLY C 150 13.83 -20.99 -36.50
CA GLY C 150 15.13 -21.60 -36.66
C GLY C 150 16.03 -21.42 -35.44
N ALA C 151 16.70 -22.50 -35.05
CA ALA C 151 17.69 -22.50 -34.00
C ALA C 151 19.06 -22.84 -34.55
N GLU C 152 20.09 -22.44 -33.81
CA GLU C 152 21.46 -22.79 -34.13
C GLU C 152 22.24 -23.03 -32.86
N THR C 153 23.37 -23.71 -33.02
CA THR C 153 24.25 -24.04 -31.91
C THR C 153 25.54 -23.23 -32.06
N VAL C 154 25.75 -22.30 -31.14
CA VAL C 154 26.96 -21.49 -31.11
C VAL C 154 28.01 -22.22 -30.27
N THR C 155 29.23 -22.25 -30.77
CA THR C 155 30.35 -22.89 -30.10
C THR C 155 31.51 -21.90 -30.01
N LEU C 156 32.14 -21.83 -28.84
CA LEU C 156 33.24 -20.94 -28.50
C LEU C 156 34.53 -21.73 -28.32
N PRO C 157 35.67 -21.20 -28.79
CA PRO C 157 36.94 -21.95 -28.78
C PRO C 157 37.68 -21.87 -27.44
N VAL C 158 37.00 -22.25 -26.36
CA VAL C 158 37.60 -22.29 -25.03
C VAL C 158 37.10 -23.52 -24.27
N HIS C 159 38.02 -24.17 -23.56
CA HIS C 159 37.71 -25.31 -22.70
C HIS C 159 37.98 -24.97 -21.24
N ARG C 160 37.30 -25.69 -20.35
CA ARG C 160 37.55 -25.61 -18.91
C ARG C 160 38.63 -26.62 -18.53
N THR C 161 39.39 -26.31 -17.46
CA THR C 161 40.53 -27.14 -17.07
C THR C 161 40.50 -27.66 -15.63
N ASP C 162 39.48 -27.33 -14.84
CA ASP C 162 39.21 -28.00 -13.57
C ASP C 162 37.70 -27.91 -13.32
N GLY C 163 37.28 -28.39 -12.15
CA GLY C 163 35.85 -28.38 -11.86
C GLY C 163 35.44 -27.60 -10.63
N ARG C 164 36.22 -26.57 -10.24
CA ARG C 164 35.99 -25.88 -8.97
C ARG C 164 34.56 -25.34 -8.87
N HIS C 165 34.15 -24.52 -9.83
CA HIS C 165 32.85 -23.85 -9.77
C HIS C 165 31.94 -24.32 -10.92
N TRP C 166 30.84 -23.63 -11.10
CA TRP C 166 29.89 -23.96 -12.14
C TRP C 166 29.69 -22.78 -13.07
N ALA C 167 29.41 -23.07 -14.32
CA ALA C 167 29.28 -22.06 -15.35
C ALA C 167 28.03 -22.34 -16.16
N TYR C 168 27.29 -21.31 -16.51
CA TYR C 168 26.00 -21.46 -17.19
C TYR C 168 25.91 -20.40 -18.26
N VAL C 169 25.48 -20.77 -19.44
CA VAL C 169 25.14 -19.79 -20.45
C VAL C 169 23.65 -19.50 -20.31
N PHE C 170 23.32 -18.26 -19.97
CA PHE C 170 21.96 -17.74 -19.93
C PHE C 170 21.78 -16.75 -21.06
N GLY C 171 20.53 -16.35 -21.26
CA GLY C 171 20.24 -15.33 -22.24
C GLY C 171 20.46 -13.94 -21.73
N ARG C 172 20.28 -12.99 -22.61
CA ARG C 172 20.33 -11.60 -22.21
C ARG C 172 18.93 -11.03 -22.31
N SER C 173 18.59 -10.17 -21.35
CA SER C 173 17.23 -9.68 -21.22
C SER C 173 16.74 -9.01 -22.50
N SER C 174 17.63 -8.27 -23.17
CA SER C 174 17.24 -7.65 -24.42
C SER C 174 16.79 -8.70 -25.43
N LEU C 175 17.57 -9.77 -25.59
CA LEU C 175 17.21 -10.77 -26.60
C LEU C 175 15.99 -11.58 -26.19
N ASN C 176 15.84 -11.85 -24.90
CA ASN C 176 14.68 -12.59 -24.39
C ASN C 176 13.37 -11.89 -24.76
N LEU C 177 13.31 -10.58 -24.51
CA LEU C 177 12.14 -9.77 -24.86
C LEU C 177 11.80 -9.86 -26.35
N ARG C 178 12.75 -10.25 -27.17
CA ARG C 178 12.52 -10.32 -28.60
C ARG C 178 12.12 -11.71 -29.06
N GLY C 179 12.05 -12.69 -28.16
CA GLY C 179 11.79 -14.05 -28.57
C GLY C 179 12.99 -14.80 -29.11
N ILE C 180 14.11 -14.12 -29.29
CA ILE C 180 15.39 -14.74 -29.60
C ILE C 180 15.92 -15.31 -28.29
N VAL C 181 15.83 -16.62 -28.13
CA VAL C 181 15.91 -17.27 -26.82
C VAL C 181 17.16 -18.15 -26.77
N VAL C 182 18.11 -17.78 -25.90
CA VAL C 182 19.22 -18.68 -25.58
C VAL C 182 18.73 -19.77 -24.63
N PHE C 183 19.01 -21.02 -24.98
CA PHE C 183 18.70 -22.13 -24.08
C PHE C 183 19.66 -22.09 -22.90
N PRO C 184 19.20 -21.94 -21.67
CA PRO C 184 20.09 -22.02 -20.52
C PRO C 184 20.87 -23.33 -20.56
N THR C 185 22.21 -23.23 -20.50
CA THR C 185 23.07 -24.34 -20.81
C THR C 185 24.17 -24.48 -19.77
N PRO C 186 24.41 -25.68 -19.24
CA PRO C 186 25.59 -25.90 -18.41
C PRO C 186 26.86 -26.04 -19.24
N TRP C 187 28.00 -25.76 -18.59
CA TRP C 187 29.32 -25.88 -19.21
C TRP C 187 30.25 -26.55 -18.21
N GLU C 188 30.33 -27.87 -18.26
CA GLU C 188 31.27 -28.58 -17.41
C GLU C 188 32.46 -29.13 -18.17
N SER C 189 32.24 -29.71 -19.35
CA SER C 189 33.32 -30.20 -20.19
C SER C 189 33.12 -29.74 -21.63
N GLY C 190 34.11 -30.03 -22.47
CA GLY C 190 34.09 -29.62 -23.85
C GLY C 190 34.12 -28.11 -24.03
N PRO C 191 33.83 -27.66 -25.24
CA PRO C 191 33.80 -26.22 -25.51
C PRO C 191 32.55 -25.55 -24.96
N CYS C 192 32.66 -24.25 -24.70
CA CYS C 192 31.52 -23.45 -24.31
C CYS C 192 30.54 -23.35 -25.48
N ARG C 193 29.31 -23.80 -25.24
CA ARG C 193 28.38 -24.09 -26.31
C ARG C 193 26.98 -23.73 -25.84
N PHE C 194 26.14 -23.28 -26.78
CA PHE C 194 24.75 -23.00 -26.44
C PHE C 194 23.92 -22.91 -27.71
N ARG C 195 22.65 -23.33 -27.58
CA ARG C 195 21.66 -23.21 -28.64
C ARG C 195 20.88 -21.92 -28.46
N ILE C 196 20.52 -21.29 -29.57
CA ILE C 196 19.76 -20.04 -29.56
C ILE C 196 18.67 -20.14 -30.62
N GLN C 197 17.45 -19.74 -30.26
CA GLN C 197 16.30 -19.97 -31.12
C GLN C 197 15.46 -18.72 -31.31
N ASN C 198 15.04 -18.49 -32.56
CA ASN C 198 14.24 -17.33 -32.96
C ASN C 198 12.76 -17.74 -32.91
N ARG C 199 12.09 -17.38 -31.82
CA ARG C 199 10.66 -17.65 -31.72
C ARG C 199 9.80 -16.47 -32.17
N GLY C 200 10.43 -15.41 -32.68
CA GLY C 200 9.70 -14.25 -33.14
C GLY C 200 9.00 -14.54 -34.46
N ALA C 201 8.42 -13.48 -35.03
CA ALA C 201 7.72 -13.61 -36.30
C ALA C 201 8.60 -13.31 -37.50
N HIS C 202 9.59 -12.44 -37.35
CA HIS C 202 10.48 -12.13 -38.47
C HIS C 202 11.80 -12.86 -38.32
N PRO C 203 12.53 -13.05 -39.41
CA PRO C 203 13.92 -13.49 -39.29
C PRO C 203 14.75 -12.44 -38.56
N VAL C 204 15.77 -12.92 -37.84
CA VAL C 204 16.69 -12.02 -37.16
C VAL C 204 18.10 -12.31 -37.65
N THR C 205 18.95 -11.30 -37.58
CA THR C 205 20.35 -11.43 -37.93
C THR C 205 21.20 -10.96 -36.76
N LEU C 206 22.06 -11.84 -36.27
CA LEU C 206 23.01 -11.51 -35.23
C LEU C 206 24.38 -11.33 -35.89
N GLU C 207 24.93 -10.13 -35.81
CA GLU C 207 26.27 -9.90 -36.35
C GLU C 207 27.31 -10.62 -35.51
N SER C 208 28.44 -10.92 -36.14
CA SER C 208 29.62 -11.29 -35.39
C SER C 208 30.01 -10.14 -34.48
N GLY C 209 30.43 -10.46 -33.26
CA GLY C 209 30.75 -9.47 -32.27
C GLY C 209 29.59 -9.07 -31.38
N GLN C 210 28.36 -9.20 -31.86
CA GLN C 210 27.19 -8.81 -31.08
C GLN C 210 27.11 -9.64 -29.81
N ARG C 211 26.80 -8.98 -28.69
CA ARG C 211 26.60 -9.71 -27.44
C ARG C 211 25.28 -10.46 -27.48
N VAL C 212 25.34 -11.80 -27.52
CA VAL C 212 24.16 -12.60 -27.79
C VAL C 212 23.75 -13.48 -26.62
N ALA C 213 24.63 -13.68 -25.63
CA ALA C 213 24.31 -14.44 -24.43
C ALA C 213 25.19 -13.90 -23.31
N GLN C 214 25.10 -14.50 -22.13
CA GLN C 214 25.98 -14.13 -21.03
C GLN C 214 26.32 -15.39 -20.22
N LEU C 215 27.53 -15.39 -19.67
CA LEU C 215 28.07 -16.49 -18.89
C LEU C 215 28.03 -16.12 -17.42
N VAL C 216 27.45 -17.00 -16.60
CA VAL C 216 27.30 -16.80 -15.16
C VAL C 216 28.04 -17.93 -14.44
N LEU C 217 28.91 -17.55 -13.50
CA LEU C 217 29.65 -18.50 -12.69
C LEU C 217 29.03 -18.52 -11.29
N THR C 218 28.87 -19.74 -10.73
CA THR C 218 28.11 -19.96 -9.52
C THR C 218 28.87 -20.88 -8.59
N ARG C 219 28.74 -20.61 -7.28
CA ARG C 219 29.34 -21.47 -6.26
C ARG C 219 28.66 -22.82 -6.17
N GLU C 220 27.38 -22.89 -6.51
CA GLU C 220 26.61 -24.12 -6.39
C GLU C 220 25.96 -24.47 -7.70
N PRO C 221 25.77 -25.76 -7.96
CA PRO C 221 25.14 -26.19 -9.21
C PRO C 221 23.70 -25.73 -9.31
N LEU C 222 23.30 -25.40 -10.54
CA LEU C 222 21.90 -25.37 -10.94
C LEU C 222 21.69 -26.70 -11.66
N GLY C 223 21.43 -27.73 -10.85
CA GLY C 223 21.51 -29.10 -11.35
C GLY C 223 20.51 -29.40 -12.44
N TRP C 224 19.36 -28.71 -12.43
CA TRP C 224 18.30 -28.95 -13.39
C TRP C 224 18.60 -28.41 -14.78
N ILE C 225 19.60 -27.53 -14.94
CA ILE C 225 19.83 -26.86 -16.21
C ILE C 225 20.54 -27.81 -17.17
N THR C 226 19.97 -27.96 -18.37
CA THR C 226 20.36 -29.02 -19.31
C THR C 226 20.93 -28.52 -20.64
N GLY C 227 20.62 -27.31 -21.07
CA GLY C 227 21.02 -26.85 -22.38
C GLY C 227 20.11 -27.27 -23.53
N ARG C 228 19.04 -28.02 -23.27
CA ARG C 228 18.23 -28.57 -24.36
C ARG C 228 16.78 -28.08 -24.32
N SER C 229 16.49 -27.00 -23.60
CA SER C 229 15.13 -26.43 -23.54
C SER C 229 15.18 -24.91 -23.51
N PRO C 230 14.23 -24.25 -24.17
CA PRO C 230 14.19 -22.78 -24.14
C PRO C 230 13.75 -22.22 -22.82
N PHE C 231 12.83 -22.88 -22.12
CA PHE C 231 12.14 -22.32 -20.97
C PHE C 231 12.19 -23.27 -19.76
N PRO C 232 13.37 -23.62 -19.27
CA PRO C 232 13.45 -24.57 -18.16
C PRO C 232 12.87 -23.96 -16.88
N ALA C 233 11.90 -24.65 -16.28
CA ALA C 233 11.39 -24.22 -15.00
C ALA C 233 12.43 -24.45 -13.91
N THR C 234 12.40 -23.59 -12.89
CA THR C 234 13.13 -23.86 -11.66
C THR C 234 12.33 -24.82 -10.80
N PRO C 235 12.89 -25.97 -10.42
CA PRO C 235 12.11 -26.98 -9.69
C PRO C 235 11.98 -26.66 -8.20
N ARG C 236 10.92 -27.24 -7.61
CA ARG C 236 10.41 -26.81 -6.31
C ARG C 236 11.35 -27.07 -5.14
N ALA C 237 12.32 -27.96 -5.28
CA ALA C 237 13.11 -28.35 -4.12
C ALA C 237 13.85 -27.15 -3.53
N PRO C 238 13.99 -27.09 -2.22
CA PRO C 238 14.67 -25.96 -1.57
C PRO C 238 16.19 -26.02 -1.80
N MET C 239 16.86 -24.93 -1.43
CA MET C 239 18.27 -24.74 -1.76
C MET C 239 19.18 -25.18 -0.62
N GLN C 240 20.47 -25.28 -0.94
CA GLN C 240 21.48 -25.75 0.02
C GLN C 240 22.21 -24.61 0.72
N HIS C 241 22.53 -23.55 -0.04
CA HIS C 241 23.22 -22.34 0.49
C HIS C 241 22.23 -21.17 0.41
N ARG C 242 21.05 -21.37 1.00
CA ARG C 242 19.94 -20.42 1.00
C ARG C 242 20.37 -19.21 1.84
N PRO C 243 20.24 -17.98 1.32
CA PRO C 243 20.60 -16.79 2.11
C PRO C 243 19.41 -16.14 2.81
N ALA C 244 19.64 -15.06 3.54
CA ALA C 244 18.56 -14.40 4.28
C ALA C 244 17.88 -13.31 3.46
N TRP C 245 16.55 -13.31 3.47
CA TRP C 245 15.76 -12.24 2.87
C TRP C 245 15.30 -11.31 3.98
N LEU C 246 15.40 -10.01 3.73
CA LEU C 246 14.93 -9.00 4.68
C LEU C 246 13.88 -8.18 3.96
N PHE C 247 12.66 -8.16 4.51
CA PHE C 247 11.53 -7.45 3.91
C PHE C 247 11.38 -6.11 4.63
N ALA C 248 11.71 -5.03 3.94
CA ALA C 248 11.74 -3.70 4.57
C ALA C 248 10.62 -2.78 4.09
N THR D 25 13.50 -5.10 13.37
CA THR D 25 13.64 -6.33 12.59
C THR D 25 13.19 -7.58 13.36
N ILE D 26 12.25 -8.34 12.77
CA ILE D 26 11.74 -9.57 13.38
C ILE D 26 12.34 -10.76 12.66
N LEU D 27 12.91 -11.67 13.44
CA LEU D 27 13.56 -12.86 12.90
C LEU D 27 12.52 -13.95 12.67
N VAL D 28 12.43 -14.45 11.44
CA VAL D 28 11.51 -15.53 11.09
C VAL D 28 12.35 -16.70 10.60
N CYS D 29 12.29 -17.82 11.31
CA CYS D 29 12.76 -19.10 10.81
C CYS D 29 11.53 -19.90 10.36
N ALA D 30 11.47 -20.21 9.07
CA ALA D 30 10.30 -20.80 8.46
C ALA D 30 10.61 -22.19 7.98
N SER D 31 9.81 -23.17 8.40
CA SER D 31 9.90 -24.53 7.88
C SER D 31 8.99 -24.76 6.68
N GLU D 32 8.11 -23.82 6.38
CA GLU D 32 7.11 -24.06 5.34
C GLU D 32 6.94 -22.77 4.56
N PRO D 33 6.22 -22.79 3.43
CA PRO D 33 5.96 -21.55 2.68
C PRO D 33 5.22 -20.51 3.51
N VAL D 34 5.79 -19.30 3.58
CA VAL D 34 5.21 -18.17 4.29
C VAL D 34 5.06 -17.01 3.32
N THR D 35 3.97 -16.27 3.46
CA THR D 35 3.66 -15.22 2.51
C THR D 35 3.74 -13.88 3.25
N VAL D 36 4.58 -12.98 2.75
CA VAL D 36 4.64 -11.63 3.30
C VAL D 36 3.59 -10.77 2.60
N ASP D 37 2.55 -10.37 3.34
CA ASP D 37 1.40 -9.63 2.75
C ASP D 37 1.12 -8.35 3.52
N GLY D 38 1.30 -7.21 2.85
CA GLY D 38 1.14 -5.85 3.38
C GLY D 38 1.64 -5.71 4.80
N GLY D 39 2.87 -6.16 5.06
CA GLY D 39 3.44 -6.14 6.41
C GLY D 39 3.15 -7.35 7.30
N ARG D 40 2.13 -8.16 7.00
CA ARG D 40 1.80 -9.29 7.90
C ARG D 40 2.08 -10.64 7.23
N LEU D 41 2.46 -11.64 8.03
CA LEU D 41 2.71 -12.97 7.52
C LEU D 41 1.38 -13.68 7.30
N LEU D 42 1.30 -14.44 6.21
CA LEU D 42 0.09 -15.13 5.75
C LEU D 42 0.48 -16.57 5.51
N VAL D 43 -0.27 -17.50 6.09
CA VAL D 43 -0.05 -18.92 5.90
C VAL D 43 -1.39 -19.57 5.60
N CYS D 44 -1.42 -20.44 4.59
CA CYS D 44 -2.60 -21.21 4.21
C CYS D 44 -2.43 -22.64 4.71
N ARG D 45 -3.34 -23.07 5.58
CA ARG D 45 -3.38 -24.44 6.05
C ARG D 45 -4.76 -25.00 5.83
N SER D 46 -4.86 -26.34 5.91
CA SER D 46 -6.15 -27.04 5.83
C SER D 46 -6.38 -27.81 7.12
N PRO D 47 -6.68 -27.12 8.22
CA PRO D 47 -6.98 -27.81 9.47
C PRO D 47 -8.25 -28.66 9.36
N GLY D 48 -8.43 -29.54 10.33
CA GLY D 48 -9.60 -30.38 10.38
C GLY D 48 -10.83 -29.63 10.86
N PRO D 49 -12.01 -30.23 10.68
CA PRO D 49 -13.25 -29.53 11.08
C PRO D 49 -13.43 -29.41 12.59
N GLU D 50 -12.70 -30.15 13.40
CA GLU D 50 -12.95 -30.18 14.82
C GLU D 50 -12.17 -29.07 15.54
N GLY D 51 -12.62 -28.74 16.75
CA GLY D 51 -11.89 -27.87 17.65
C GLY D 51 -12.10 -28.34 19.08
N PHE D 52 -11.42 -27.69 20.01
CA PHE D 52 -10.40 -26.69 19.76
C PHE D 52 -9.05 -27.37 19.73
N TYR D 53 -8.20 -27.05 18.75
CA TYR D 53 -6.88 -27.63 18.73
C TYR D 53 -5.90 -26.67 18.07
N LYS D 54 -4.63 -27.06 18.08
CA LYS D 54 -3.54 -26.20 17.65
C LYS D 54 -3.13 -26.53 16.22
N VAL D 55 -3.13 -25.52 15.36
CA VAL D 55 -2.72 -25.63 13.97
C VAL D 55 -1.31 -25.05 13.80
N PRO D 56 -0.28 -25.89 13.67
CA PRO D 56 1.08 -25.35 13.47
C PRO D 56 1.16 -24.54 12.19
N LEU D 57 1.84 -23.39 12.26
CA LEU D 57 1.83 -22.45 11.15
C LEU D 57 3.08 -22.51 10.27
N GLY D 58 4.09 -23.30 10.67
CA GLY D 58 5.28 -23.52 9.86
C GLY D 58 6.41 -22.53 10.09
N LEU D 59 6.39 -21.78 11.17
CA LEU D 59 7.39 -20.74 11.38
C LEU D 59 7.57 -20.50 12.87
N LYS D 60 8.74 -19.99 13.19
CA LYS D 60 9.05 -19.46 14.50
C LYS D 60 9.54 -18.03 14.32
N VAL D 61 9.26 -17.17 15.31
CA VAL D 61 9.72 -15.79 15.27
C VAL D 61 10.49 -15.48 16.54
N ALA D 62 11.47 -14.62 16.39
CA ALA D 62 12.18 -14.01 17.51
C ALA D 62 11.85 -12.52 17.43
N LEU D 63 10.79 -12.10 18.17
CA LEU D 63 10.36 -10.71 18.30
C LEU D 63 11.34 -9.95 19.18
N PRO D 64 11.75 -8.75 18.77
CA PRO D 64 12.51 -7.91 19.70
C PRO D 64 11.65 -7.52 20.90
N THR D 65 12.31 -7.25 22.02
CA THR D 65 11.61 -6.81 23.22
C THR D 65 10.79 -5.58 22.90
N GLY D 66 9.58 -5.54 23.41
CA GLY D 66 8.67 -4.46 23.10
C GLY D 66 7.87 -4.71 21.88
N TYR D 67 7.94 -5.91 21.33
CA TYR D 67 7.10 -6.34 20.22
C TYR D 67 6.31 -7.57 20.63
N ALA D 68 5.06 -7.63 20.18
CA ALA D 68 4.33 -8.86 20.28
C ALA D 68 3.79 -9.17 18.89
N MET D 69 3.16 -10.33 18.74
CA MET D 69 2.56 -10.72 17.47
C MET D 69 1.18 -11.31 17.71
N LEU D 70 0.20 -10.78 16.99
CA LEU D 70 -1.17 -11.30 17.02
C LEU D 70 -1.33 -12.35 15.91
N VAL D 71 -1.77 -13.56 16.29
CA VAL D 71 -2.15 -14.61 15.36
C VAL D 71 -3.68 -14.64 15.25
N ALA D 72 -4.18 -14.56 14.02
CA ALA D 72 -5.62 -14.70 13.82
C ALA D 72 -5.85 -15.16 12.38
N GLN D 73 -7.12 -15.41 12.08
CA GLN D 73 -7.53 -15.87 10.75
C GLN D 73 -7.67 -14.70 9.78
N ARG D 74 -7.49 -14.99 8.50
CA ARG D 74 -7.80 -14.06 7.43
C ARG D 74 -9.10 -14.50 6.77
N GLY D 75 -10.09 -13.63 6.77
CA GLY D 75 -11.33 -13.90 6.06
C GLY D 75 -12.11 -15.11 6.53
N GLY D 76 -12.11 -15.36 7.84
CA GLY D 76 -12.87 -16.47 8.39
C GLY D 76 -13.08 -16.29 9.88
N GLY D 77 -14.02 -17.08 10.41
CA GLY D 77 -14.46 -16.89 11.78
C GLY D 77 -14.40 -18.09 12.71
N ARG D 78 -13.33 -18.89 12.61
CA ARG D 78 -13.20 -20.07 13.47
C ARG D 78 -11.92 -20.05 14.33
N THR D 79 -11.15 -18.95 14.32
CA THR D 79 -9.84 -18.89 14.97
C THR D 79 -9.83 -17.93 16.16
N THR D 80 -9.31 -18.39 17.30
CA THR D 80 -9.14 -17.50 18.44
C THR D 80 -7.95 -16.56 18.16
N ASN D 81 -8.08 -15.31 18.65
CA ASN D 81 -6.95 -14.40 18.54
C ASN D 81 -5.85 -14.78 19.55
N GLY D 82 -4.67 -15.13 19.02
CA GLY D 82 -3.51 -15.43 19.86
C GLY D 82 -2.46 -14.32 19.91
N ILE D 83 -1.68 -14.29 20.99
CA ILE D 83 -0.63 -13.30 21.20
C ILE D 83 0.68 -14.04 21.41
N VAL D 84 1.65 -13.81 20.54
CA VAL D 84 2.99 -14.36 20.68
C VAL D 84 3.87 -13.28 21.28
N ASP D 85 4.60 -13.61 22.33
CA ASP D 85 5.38 -12.58 22.99
C ASP D 85 6.83 -12.70 22.60
N ALA D 86 7.61 -11.71 23.01
CA ALA D 86 8.97 -11.59 22.49
C ALA D 86 9.87 -12.72 22.99
N GLY D 87 9.53 -13.34 24.11
CA GLY D 87 10.32 -14.47 24.56
C GLY D 87 10.03 -15.82 23.92
N PHE D 88 8.98 -15.93 23.11
CA PHE D 88 8.52 -17.23 22.59
C PHE D 88 9.41 -17.67 21.43
N ARG D 89 10.03 -18.85 21.57
CA ARG D 89 10.90 -19.37 20.53
C ARG D 89 10.35 -20.62 19.85
N GLY D 90 9.21 -21.14 20.30
CA GLY D 90 8.64 -22.35 19.75
C GLY D 90 7.96 -22.09 18.43
N GLU D 91 7.34 -23.14 17.91
CA GLU D 91 6.57 -22.96 16.69
C GLU D 91 5.34 -22.10 16.96
N VAL D 92 5.01 -21.29 15.99
CA VAL D 92 3.82 -20.46 16.08
C VAL D 92 2.63 -21.30 15.63
N GLN D 93 1.51 -21.15 16.31
CA GLN D 93 0.35 -21.98 16.03
C GLN D 93 -0.91 -21.15 16.23
N ALA D 94 -1.91 -21.44 15.41
CA ALA D 94 -3.24 -20.94 15.63
C ALA D 94 -4.06 -21.98 16.38
N ILE D 95 -4.90 -21.51 17.30
CA ILE D 95 -5.85 -22.34 18.04
C ILE D 95 -7.23 -22.06 17.48
N VAL D 96 -7.87 -23.06 16.88
CA VAL D 96 -9.07 -22.82 16.07
C VAL D 96 -10.25 -23.53 16.71
N ALA D 97 -11.43 -22.93 16.57
CA ALA D 97 -12.68 -23.49 17.02
C ALA D 97 -13.05 -24.58 16.01
N PRO D 98 -14.12 -25.34 16.22
CA PRO D 98 -14.63 -26.18 15.12
C PRO D 98 -15.23 -25.32 14.02
N GLY D 99 -15.10 -25.80 12.78
CA GLY D 99 -15.52 -25.02 11.64
C GLY D 99 -15.09 -25.65 10.35
N ARG D 100 -15.15 -24.85 9.28
CA ARG D 100 -14.82 -25.28 7.93
C ARG D 100 -13.33 -25.58 7.82
N PRO D 101 -12.96 -26.59 7.03
CA PRO D 101 -11.58 -27.13 7.09
C PRO D 101 -10.51 -26.36 6.32
N ARG D 102 -10.79 -25.29 5.59
CA ARG D 102 -9.72 -24.50 5.00
C ARG D 102 -9.59 -23.17 5.75
N ALA D 103 -8.35 -22.71 5.94
CA ALA D 103 -8.11 -21.52 6.74
C ALA D 103 -6.84 -20.80 6.30
N GLN D 104 -6.90 -19.48 6.28
CA GLN D 104 -5.74 -18.61 6.14
C GLN D 104 -5.50 -17.86 7.44
N PHE D 105 -4.22 -17.68 7.78
CA PHE D 105 -3.83 -17.12 9.06
C PHE D 105 -2.88 -15.94 8.87
N TYR D 106 -3.23 -14.83 9.49
CA TYR D 106 -2.41 -13.63 9.52
C TYR D 106 -1.62 -13.56 10.82
N CYS D 107 -0.40 -13.09 10.73
CA CYS D 107 0.41 -12.79 11.90
C CYS D 107 0.75 -11.30 11.86
N THR D 108 0.25 -10.54 12.83
CA THR D 108 0.44 -9.11 12.81
C THR D 108 1.35 -8.69 13.95
N PRO D 109 2.56 -8.22 13.68
CA PRO D 109 3.41 -7.69 14.75
C PRO D 109 2.75 -6.50 15.44
N LEU D 110 2.98 -6.40 16.75
CA LEU D 110 2.41 -5.35 17.60
C LEU D 110 3.54 -4.64 18.35
N ARG D 111 3.68 -3.33 18.09
CA ARG D 111 4.56 -2.45 18.86
C ARG D 111 3.94 -2.16 20.23
N LEU D 112 4.57 -2.65 21.30
CA LEU D 112 3.98 -2.53 22.63
C LEU D 112 4.14 -1.11 23.19
N ALA D 113 3.07 -0.62 23.87
CA ALA D 113 3.25 0.61 24.63
C ALA D 113 3.70 0.31 26.05
N PRO D 114 4.44 1.25 26.69
CA PRO D 114 4.97 1.00 28.04
C PRO D 114 3.90 0.87 29.13
N GLY D 115 2.90 1.73 29.11
CA GLY D 115 1.87 1.68 30.13
C GLY D 115 0.70 2.56 29.75
N ILE D 116 -0.30 2.58 30.62
CA ILE D 116 -1.45 3.45 30.44
C ILE D 116 -1.82 4.06 31.79
N ALA D 117 -2.25 5.32 31.76
CA ALA D 117 -2.70 5.99 32.99
C ALA D 117 -4.04 5.42 33.42
N THR D 118 -4.14 5.12 34.71
CA THR D 118 -5.30 4.48 35.31
C THR D 118 -5.64 5.24 36.59
N ASP D 119 -6.90 5.15 37.02
CA ASP D 119 -7.30 5.95 38.18
C ASP D 119 -6.81 5.32 39.49
N VAL D 120 -6.72 4.00 39.54
CA VAL D 120 -6.16 3.28 40.68
C VAL D 120 -4.80 2.75 40.24
N PRO D 121 -3.89 2.42 41.14
CA PRO D 121 -2.56 2.00 40.68
C PRO D 121 -2.65 0.77 39.80
N PHE D 122 -1.96 0.83 38.65
CA PHE D 122 -2.16 -0.16 37.59
C PHE D 122 -2.00 -1.60 38.11
N PHE D 123 -0.98 -1.84 38.92
CA PHE D 123 -0.64 -3.21 39.33
C PHE D 123 -1.45 -3.72 40.51
N GLU D 124 -2.40 -2.94 41.03
CA GLU D 124 -3.37 -3.47 41.97
C GLU D 124 -4.51 -4.21 41.28
N VAL D 125 -4.50 -4.31 39.94
CA VAL D 125 -5.52 -5.00 39.15
C VAL D 125 -4.88 -6.03 38.21
N PHE D 126 -3.92 -5.61 37.41
CA PHE D 126 -3.24 -6.48 36.47
C PHE D 126 -1.93 -7.02 37.07
N ALA D 127 -1.63 -8.28 36.79
CA ALA D 127 -0.43 -8.83 37.41
C ALA D 127 0.82 -8.37 36.67
N PRO D 128 1.92 -8.17 37.37
CA PRO D 128 3.15 -7.71 36.71
C PRO D 128 3.62 -8.70 35.65
N LYS D 129 4.43 -8.20 34.71
CA LYS D 129 4.93 -9.01 33.60
C LYS D 129 6.44 -8.81 33.45
N ARG D 130 7.05 -9.71 32.68
CA ARG D 130 8.39 -9.48 32.17
C ARG D 130 8.32 -8.58 30.94
N ASP D 131 9.39 -7.79 30.73
CA ASP D 131 9.47 -7.03 29.49
C ASP D 131 9.36 -7.95 28.28
N GLU D 132 9.80 -9.22 28.41
CA GLU D 132 9.67 -10.18 27.32
C GLU D 132 8.23 -10.62 27.10
N ASP D 133 7.45 -10.81 28.16
CA ASP D 133 6.04 -11.14 27.98
C ASP D 133 5.32 -9.97 27.34
N ALA D 134 4.27 -10.27 26.62
CA ALA D 134 3.56 -9.24 25.88
C ALA D 134 2.41 -8.64 26.67
N GLY D 135 1.73 -9.45 27.48
CA GLY D 135 0.52 -8.99 28.12
C GLY D 135 0.59 -9.03 29.64
N TYR D 136 -0.36 -8.34 30.27
CA TYR D 136 -0.50 -8.21 31.71
C TYR D 136 -1.71 -9.04 32.13
N ASP D 137 -1.46 -10.10 32.88
CA ASP D 137 -2.51 -11.05 33.21
C ASP D 137 -3.63 -10.44 34.06
N ILE D 138 -4.84 -10.93 33.81
CA ILE D 138 -6.08 -10.37 34.35
C ILE D 138 -6.70 -11.41 35.28
N PRO D 139 -6.67 -11.20 36.59
CA PRO D 139 -7.29 -12.16 37.50
C PRO D 139 -8.79 -11.98 37.50
N CYS D 140 -9.49 -13.10 37.51
CA CYS D 140 -10.96 -13.08 37.56
C CYS D 140 -11.41 -12.50 38.90
N PRO D 141 -12.20 -11.42 38.89
CA PRO D 141 -12.54 -10.74 40.16
C PRO D 141 -13.56 -11.49 41.01
N ARG D 142 -14.13 -12.57 40.51
CA ARG D 142 -15.23 -13.30 41.13
C ARG D 142 -15.27 -14.68 40.51
N GLU D 143 -15.79 -15.64 41.27
CA GLU D 143 -16.06 -16.95 40.70
C GLU D 143 -17.07 -16.83 39.55
N LEU D 144 -16.83 -17.59 38.49
CA LEU D 144 -17.66 -17.58 37.29
C LEU D 144 -17.89 -19.03 36.90
N VAL D 145 -19.14 -19.45 36.82
CA VAL D 145 -19.46 -20.84 36.51
C VAL D 145 -20.24 -20.86 35.20
N LEU D 146 -19.57 -21.16 34.08
CA LEU D 146 -20.17 -20.95 32.76
C LEU D 146 -20.71 -22.26 32.19
N PRO D 147 -22.02 -22.42 32.06
CA PRO D 147 -22.57 -23.59 31.34
C PRO D 147 -22.16 -23.55 29.88
N PRO D 148 -22.32 -24.65 29.14
CA PRO D 148 -21.99 -24.62 27.71
C PRO D 148 -22.83 -23.55 27.01
N GLY D 149 -22.20 -22.91 26.03
CA GLY D 149 -22.82 -21.78 25.36
C GLY D 149 -22.90 -20.51 26.18
N GLY D 150 -22.56 -20.59 27.47
CA GLY D 150 -22.81 -19.48 28.38
C GLY D 150 -21.68 -18.44 28.40
N ALA D 151 -22.06 -17.18 28.28
CA ALA D 151 -21.14 -16.07 28.37
C ALA D 151 -21.50 -15.12 29.50
N GLU D 152 -20.52 -14.33 29.90
CA GLU D 152 -20.71 -13.43 31.04
C GLU D 152 -19.76 -12.28 30.84
N THR D 153 -20.19 -11.10 31.27
CA THR D 153 -19.36 -9.91 31.22
C THR D 153 -18.54 -9.81 32.50
N VAL D 154 -17.22 -9.90 32.36
CA VAL D 154 -16.30 -9.61 33.46
C VAL D 154 -16.05 -8.12 33.47
N THR D 155 -15.91 -7.54 34.67
CA THR D 155 -15.75 -6.10 34.79
C THR D 155 -14.84 -5.84 35.98
N LEU D 156 -13.81 -5.05 35.74
CA LEU D 156 -12.72 -4.81 36.64
C LEU D 156 -12.81 -3.40 37.19
N PRO D 157 -12.45 -3.21 38.49
CA PRO D 157 -12.63 -1.92 39.18
C PRO D 157 -11.52 -0.92 38.84
N VAL D 158 -11.46 -0.52 37.56
CA VAL D 158 -10.37 0.34 37.12
C VAL D 158 -10.82 1.08 35.87
N HIS D 159 -10.37 2.34 35.74
CA HIS D 159 -10.74 3.25 34.67
C HIS D 159 -9.49 3.87 34.07
N ARG D 160 -9.46 3.96 32.75
CA ARG D 160 -8.45 4.76 32.10
C ARG D 160 -8.73 6.24 32.32
N THR D 161 -7.67 7.04 32.40
CA THR D 161 -7.80 8.46 32.73
C THR D 161 -7.32 9.39 31.64
N ASP D 162 -6.90 8.87 30.48
CA ASP D 162 -6.57 9.68 29.32
C ASP D 162 -6.61 8.77 28.09
N GLY D 163 -6.03 9.24 26.99
CA GLY D 163 -6.00 8.42 25.80
C GLY D 163 -4.65 8.31 25.15
N ARG D 164 -3.59 8.12 25.94
CA ARG D 164 -2.25 8.11 25.37
C ARG D 164 -2.08 6.95 24.38
N HIS D 165 -2.05 5.73 24.86
CA HIS D 165 -1.87 4.60 23.96
C HIS D 165 -3.18 3.81 23.85
N TRP D 166 -3.08 2.59 23.33
CA TRP D 166 -4.23 1.72 23.15
C TRP D 166 -4.09 0.51 24.07
N ALA D 167 -5.22 -0.11 24.40
CA ALA D 167 -5.24 -1.25 25.30
C ALA D 167 -6.31 -2.24 24.86
N TYR D 168 -6.00 -3.54 24.99
CA TYR D 168 -6.90 -4.59 24.50
C TYR D 168 -6.86 -5.80 25.43
N VAL D 169 -8.04 -6.29 25.81
CA VAL D 169 -8.15 -7.57 26.50
C VAL D 169 -8.19 -8.68 25.46
N PHE D 170 -7.28 -9.63 25.60
CA PHE D 170 -7.19 -10.80 24.77
C PHE D 170 -7.33 -12.02 25.66
N GLY D 171 -7.68 -13.16 25.07
CA GLY D 171 -7.63 -14.40 25.80
C GLY D 171 -6.20 -14.82 26.13
N ARG D 172 -6.10 -15.82 26.97
CA ARG D 172 -4.85 -16.52 27.22
C ARG D 172 -4.86 -17.84 26.46
N SER D 173 -3.68 -18.19 25.93
CA SER D 173 -3.51 -19.41 25.15
C SER D 173 -4.21 -20.59 25.78
N SER D 174 -4.04 -20.74 27.08
CA SER D 174 -4.48 -21.96 27.74
C SER D 174 -6.00 -22.06 27.77
N LEU D 175 -6.67 -20.92 27.84
CA LEU D 175 -8.12 -20.95 27.91
C LEU D 175 -8.76 -21.04 26.52
N ASN D 176 -8.12 -20.39 25.52
CA ASN D 176 -8.52 -20.61 24.13
C ASN D 176 -8.56 -22.08 23.77
N LEU D 177 -7.53 -22.84 24.17
CA LEU D 177 -7.48 -24.25 23.79
C LEU D 177 -8.59 -25.08 24.45
N ARG D 178 -9.20 -24.61 25.53
CA ARG D 178 -10.32 -25.31 26.13
C ARG D 178 -11.67 -24.80 25.64
N GLY D 179 -11.70 -24.02 24.56
CA GLY D 179 -12.95 -23.40 24.13
C GLY D 179 -13.58 -22.45 25.13
N ILE D 180 -12.80 -21.92 26.08
CA ILE D 180 -13.23 -20.83 26.94
C ILE D 180 -12.61 -19.57 26.34
N VAL D 181 -13.44 -18.74 25.71
CA VAL D 181 -13.01 -17.79 24.70
C VAL D 181 -13.27 -16.39 25.21
N VAL D 182 -12.19 -15.69 25.54
CA VAL D 182 -12.27 -14.26 25.79
C VAL D 182 -12.48 -13.55 24.46
N PHE D 183 -13.43 -12.63 24.46
CA PHE D 183 -13.72 -11.77 23.33
C PHE D 183 -12.67 -10.66 23.27
N PRO D 184 -11.84 -10.58 22.23
CA PRO D 184 -10.94 -9.43 22.11
C PRO D 184 -11.73 -8.13 22.18
N THR D 185 -11.48 -7.31 23.21
CA THR D 185 -12.20 -6.08 23.53
C THR D 185 -11.22 -4.93 23.68
N PRO D 186 -11.53 -3.77 23.12
CA PRO D 186 -10.69 -2.60 23.37
C PRO D 186 -11.10 -1.98 24.70
N TRP D 187 -10.15 -1.29 25.32
CA TRP D 187 -10.40 -0.54 26.55
C TRP D 187 -9.84 0.86 26.35
N GLU D 188 -10.71 1.80 26.03
CA GLU D 188 -10.29 3.19 25.99
C GLU D 188 -11.03 4.07 26.99
N SER D 189 -12.24 3.70 27.39
CA SER D 189 -13.05 4.52 28.28
C SER D 189 -13.80 3.64 29.26
N GLY D 190 -13.99 4.14 30.47
CA GLY D 190 -14.77 3.44 31.46
C GLY D 190 -14.00 2.30 32.06
N PRO D 191 -14.72 1.28 32.53
CA PRO D 191 -14.06 0.17 33.23
C PRO D 191 -13.56 -0.88 32.25
N CYS D 192 -12.44 -1.48 32.64
CA CYS D 192 -11.96 -2.63 31.92
C CYS D 192 -13.01 -3.73 31.99
N ARG D 193 -13.54 -4.11 30.83
CA ARG D 193 -14.62 -5.09 30.69
C ARG D 193 -14.40 -5.95 29.45
N PHE D 194 -14.85 -7.20 29.53
CA PHE D 194 -14.74 -8.14 28.44
C PHE D 194 -15.72 -9.28 28.66
N ARG D 195 -16.32 -9.75 27.57
CA ARG D 195 -17.12 -10.97 27.63
C ARG D 195 -16.21 -12.19 27.53
N ILE D 196 -16.61 -13.28 28.18
CA ILE D 196 -15.98 -14.57 28.02
C ILE D 196 -17.07 -15.59 27.73
N GLN D 197 -16.84 -16.47 26.76
CA GLN D 197 -17.83 -17.46 26.37
C GLN D 197 -17.24 -18.86 26.45
N ASN D 198 -18.02 -19.79 27.02
CA ASN D 198 -17.62 -21.20 27.09
C ASN D 198 -18.29 -21.96 25.96
N ARG D 199 -17.54 -22.20 24.89
CA ARG D 199 -18.07 -22.96 23.77
C ARG D 199 -17.74 -24.44 23.87
N GLY D 200 -17.40 -24.91 25.04
CA GLY D 200 -17.11 -26.32 25.22
C GLY D 200 -18.36 -27.13 25.54
N ALA D 201 -18.16 -28.44 25.60
CA ALA D 201 -19.28 -29.33 25.85
C ALA D 201 -19.71 -29.35 27.32
N HIS D 202 -18.83 -28.92 28.23
CA HIS D 202 -19.06 -29.06 29.66
C HIS D 202 -19.05 -27.70 30.34
N PRO D 203 -19.87 -27.53 31.39
CA PRO D 203 -19.80 -26.32 32.20
C PRO D 203 -18.41 -26.13 32.78
N VAL D 204 -18.00 -24.87 32.88
CA VAL D 204 -16.67 -24.54 33.37
C VAL D 204 -16.80 -23.57 34.54
N THR D 205 -15.85 -23.67 35.46
CA THR D 205 -15.89 -22.85 36.66
C THR D 205 -14.65 -21.98 36.70
N LEU D 206 -14.84 -20.68 36.79
CA LEU D 206 -13.73 -19.76 36.81
C LEU D 206 -13.61 -19.30 38.25
N GLU D 207 -12.47 -19.55 38.85
CA GLU D 207 -12.27 -19.20 40.25
C GLU D 207 -11.86 -17.75 40.41
N SER D 208 -12.36 -17.11 41.47
CA SER D 208 -11.91 -15.77 41.85
C SER D 208 -10.38 -15.74 41.96
N GLY D 209 -9.77 -14.75 41.33
CA GLY D 209 -8.32 -14.63 41.32
C GLY D 209 -7.60 -15.34 40.20
N GLN D 210 -8.27 -16.26 39.49
CA GLN D 210 -7.60 -17.06 38.48
C GLN D 210 -7.35 -16.21 37.23
N ARG D 211 -6.23 -16.47 36.57
CA ARG D 211 -5.84 -15.69 35.38
C ARG D 211 -6.70 -16.10 34.19
N VAL D 212 -7.60 -15.21 33.78
CA VAL D 212 -8.62 -15.54 32.78
C VAL D 212 -8.50 -14.76 31.49
N ALA D 213 -7.67 -13.74 31.43
CA ALA D 213 -7.38 -13.08 30.17
C ALA D 213 -6.06 -12.34 30.35
N GLN D 214 -5.68 -11.56 29.34
CA GLN D 214 -4.51 -10.71 29.45
C GLN D 214 -4.76 -9.41 28.74
N LEU D 215 -4.08 -8.37 29.22
CA LEU D 215 -4.24 -7.01 28.75
C LEU D 215 -2.98 -6.65 27.98
N VAL D 216 -3.16 -6.20 26.73
CA VAL D 216 -2.04 -5.86 25.89
C VAL D 216 -2.18 -4.41 25.53
N LEU D 217 -1.09 -3.67 25.70
CA LEU D 217 -0.99 -2.23 25.45
C LEU D 217 -0.16 -2.01 24.19
N THR D 218 -0.64 -1.17 23.29
CA THR D 218 -0.01 -1.02 21.99
C THR D 218 0.13 0.46 21.67
N ARG D 219 1.20 0.76 20.92
CA ARG D 219 1.41 2.11 20.41
C ARG D 219 0.46 2.45 19.27
N GLU D 220 -0.14 1.44 18.64
CA GLU D 220 -1.02 1.72 17.53
C GLU D 220 -2.32 0.93 17.69
N PRO D 221 -3.44 1.53 17.28
CA PRO D 221 -4.74 0.88 17.49
C PRO D 221 -4.92 -0.34 16.61
N LEU D 222 -5.70 -1.29 17.11
CA LEU D 222 -6.24 -2.38 16.30
C LEU D 222 -7.69 -2.00 16.05
N GLY D 223 -7.92 -1.31 14.92
CA GLY D 223 -9.23 -0.75 14.68
C GLY D 223 -10.32 -1.80 14.66
N TRP D 224 -10.01 -2.98 14.13
CA TRP D 224 -11.05 -3.96 13.90
C TRP D 224 -11.54 -4.63 15.18
N ILE D 225 -10.81 -4.46 16.28
CA ILE D 225 -11.06 -5.19 17.52
C ILE D 225 -12.18 -4.47 18.27
N THR D 226 -13.35 -5.11 18.37
CA THR D 226 -14.52 -4.44 18.89
C THR D 226 -14.99 -4.94 20.24
N GLY D 227 -14.72 -6.18 20.60
CA GLY D 227 -15.31 -6.74 21.80
C GLY D 227 -16.58 -7.52 21.57
N ARG D 228 -17.19 -7.42 20.40
CA ARG D 228 -18.49 -8.02 20.10
C ARG D 228 -18.43 -9.46 19.59
N SER D 229 -17.24 -10.05 19.41
CA SER D 229 -17.20 -11.36 18.77
C SER D 229 -16.10 -12.23 19.34
N PRO D 230 -16.30 -13.56 19.34
CA PRO D 230 -15.25 -14.44 19.86
C PRO D 230 -14.07 -14.63 18.92
N PHE D 231 -14.24 -14.41 17.60
CA PHE D 231 -13.22 -14.82 16.62
C PHE D 231 -13.02 -13.72 15.60
N PRO D 232 -12.72 -12.50 16.03
CA PRO D 232 -12.56 -11.41 15.07
C PRO D 232 -11.44 -11.76 14.10
N ALA D 233 -11.75 -11.73 12.80
CA ALA D 233 -10.69 -11.87 11.80
C ALA D 233 -9.87 -10.59 11.72
N THR D 234 -8.58 -10.74 11.39
CA THR D 234 -7.73 -9.60 11.11
C THR D 234 -7.90 -9.20 9.65
N PRO D 235 -8.16 -7.92 9.36
CA PRO D 235 -8.44 -7.52 7.97
C PRO D 235 -7.19 -7.49 7.10
N ARG D 236 -7.42 -7.66 5.80
CA ARG D 236 -6.32 -7.65 4.79
C ARG D 236 -6.10 -6.19 4.36
N ALA D 237 -5.55 -5.38 5.28
CA ALA D 237 -5.32 -3.96 5.02
C ALA D 237 -3.95 -3.61 5.56
N PRO D 238 -3.04 -3.14 4.71
CA PRO D 238 -1.66 -2.92 5.14
C PRO D 238 -1.58 -2.17 6.46
N MET D 239 -0.69 -2.64 7.33
CA MET D 239 -0.51 -1.99 8.61
C MET D 239 0.23 -0.66 8.45
N GLN D 240 0.22 0.13 9.51
CA GLN D 240 0.68 1.52 9.42
C GLN D 240 2.17 1.67 9.67
N HIS D 241 2.72 0.89 10.61
CA HIS D 241 4.16 0.86 10.85
C HIS D 241 4.64 -0.58 10.68
N ARG D 242 4.70 -1.02 9.43
CA ARG D 242 5.18 -2.36 9.13
C ARG D 242 6.62 -2.51 9.59
N PRO D 243 6.96 -3.57 10.32
CA PRO D 243 8.36 -3.78 10.70
C PRO D 243 9.05 -4.71 9.71
N ALA D 244 10.38 -4.76 9.81
CA ALA D 244 11.16 -5.55 8.88
C ALA D 244 11.24 -6.99 9.36
N TRP D 245 11.09 -7.91 8.41
CA TRP D 245 11.17 -9.34 8.65
C TRP D 245 12.48 -9.85 8.09
N LEU D 246 13.21 -10.61 8.90
CA LEU D 246 14.40 -11.30 8.41
C LEU D 246 14.07 -12.78 8.33
N PHE D 247 14.03 -13.32 7.11
CA PHE D 247 13.87 -14.75 6.89
C PHE D 247 15.24 -15.42 6.91
N ALA D 248 15.50 -16.20 7.95
CA ALA D 248 16.73 -16.99 8.04
C ALA D 248 16.38 -18.47 8.12
MG MG E . 5.18 4.73 -22.29
N1 UMP F . 3.43 3.13 -18.37
C2 UMP F . 3.08 3.74 -17.02
N3 UMP F . 4.15 4.09 -16.00
C4 UMP F . 5.59 3.88 -16.26
C5 UMP F . 5.84 3.28 -17.59
C6 UMP F . 4.82 2.98 -18.67
O2 UMP F . 1.97 3.90 -16.75
O4 UMP F . 6.48 4.13 -15.49
C1' UMP F . 2.44 2.90 -19.41
C2' UMP F . 2.45 1.67 -20.35
C3' UMP F . 1.86 2.50 -21.56
C4' UMP F . 1.72 3.73 -21.01
O3' UMP F . 2.81 2.48 -22.72
O4' UMP F . 1.20 3.45 -19.51
C5' UMP F . 1.03 4.87 -21.74
O5' UMP F . 1.62 5.40 -22.88
P UMP F . 0.97 4.84 -24.26
OP1 UMP F . -0.44 5.02 -24.58
OP2 UMP F . 1.23 3.42 -24.45
OP3 UMP F . 1.48 5.57 -25.37
#